data_6EA9
#
_entry.id   6EA9
#
_cell.length_a   215.416
_cell.length_b   57.147
_cell.length_c   133.113
_cell.angle_alpha   90.00
_cell.angle_beta   120.37
_cell.angle_gamma   90.00
#
_symmetry.space_group_name_H-M   'C 1 2 1'
#
loop_
_entity.id
_entity.type
_entity.pdbx_description
1 polymer 'Protein B2'
2 non-polymer "2',5'-GpAp"
3 water water
#
_entity_poly.entity_id   1
_entity_poly.type   'polypeptide(L)'
_entity_poly.pdbx_seq_one_letter_code
;SMAMFYAHALGGYDENLHAFPGISSTVANDVRKYSVVSVYNNKYDIVKDKYMWCYSQVNKRYIGALLPMFECNEYLQIGD
PIHDQEGNQISIITYRHKNYYALSGIGYESLDLCLEGVGIHHHVLETGNAVYGKVQHDYSTIKEKAKEMNALSPGPIIDY
HVWIGDCICQVTAVDVHGKEIMRMRFKKGAVLPIPNLVKVKLGENDTENLSSTISAAPSR
;
_entity_poly.pdbx_strand_id   A,B,C,D,E
#
# COMPACT_ATOMS: atom_id res chain seq x y z
N SER A 1 30.78 26.71 -3.43
CA SER A 1 30.28 27.76 -4.31
C SER A 1 28.77 27.75 -4.38
N MET A 2 28.20 28.89 -4.75
CA MET A 2 26.76 29.08 -4.67
C MET A 2 26.00 28.20 -5.67
N ALA A 3 24.95 27.55 -5.19
CA ALA A 3 24.10 26.74 -6.05
C ALA A 3 23.33 27.64 -7.00
N MET A 4 23.38 27.32 -8.29
CA MET A 4 22.72 28.08 -9.34
C MET A 4 21.54 27.32 -9.90
N PHE A 5 20.49 28.07 -10.25
CA PHE A 5 19.28 27.53 -10.84
C PHE A 5 18.88 28.42 -12.01
N TYR A 6 18.72 27.83 -13.18
CA TYR A 6 18.41 28.60 -14.39
C TYR A 6 17.08 28.13 -14.95
N ALA A 7 16.21 29.08 -15.26
CA ALA A 7 14.88 28.72 -15.74
C ALA A 7 14.93 28.49 -17.24
N HIS A 8 14.44 27.31 -17.67
CA HIS A 8 14.35 26.99 -19.08
C HIS A 8 13.45 27.96 -19.84
N ALA A 9 12.40 28.45 -19.17
CA ALA A 9 11.50 29.40 -19.82
C ALA A 9 12.19 30.73 -20.12
N LEU A 10 13.29 31.03 -19.44
CA LEU A 10 14.09 32.22 -19.72
C LEU A 10 15.36 31.89 -20.51
N GLY A 11 15.35 30.79 -21.26
CA GLY A 11 16.49 30.41 -22.09
C GLY A 11 17.68 29.86 -21.34
N GLY A 12 17.47 29.28 -20.17
CA GLY A 12 18.55 28.85 -19.32
C GLY A 12 19.00 27.40 -19.41
N TYR A 13 18.49 26.61 -20.37
CA TYR A 13 18.91 25.22 -20.46
C TYR A 13 20.40 25.12 -20.79
N ASP A 14 21.10 24.24 -20.05
CA ASP A 14 22.52 23.99 -20.27
C ASP A 14 22.72 22.48 -20.12
N GLU A 15 23.15 21.82 -21.22
CA GLU A 15 23.30 20.37 -21.22
C GLU A 15 24.30 19.87 -20.19
N ASN A 16 25.23 20.72 -19.76
CA ASN A 16 26.25 20.32 -18.80
C ASN A 16 25.73 20.31 -17.37
N LEU A 17 24.54 20.84 -17.13
CA LEU A 17 24.01 20.95 -15.79
C LEU A 17 22.93 19.89 -15.59
N HIS A 18 22.55 19.71 -14.33
CA HIS A 18 21.43 18.82 -14.01
C HIS A 18 20.15 19.33 -14.64
N ALA A 19 19.34 18.40 -15.16
CA ALA A 19 18.15 18.75 -15.90
C ALA A 19 16.90 18.27 -15.17
N PHE A 20 16.03 19.21 -14.84
CA PHE A 20 14.73 18.92 -14.24
C PHE A 20 13.70 19.69 -15.04
N PRO A 21 12.41 19.39 -14.86
CA PRO A 21 11.40 20.17 -15.59
C PRO A 21 11.58 21.67 -15.31
N GLY A 22 11.86 22.42 -16.38
CA GLY A 22 11.96 23.87 -16.30
C GLY A 22 13.22 24.42 -15.66
N ILE A 23 14.16 23.56 -15.24
CA ILE A 23 15.31 23.99 -14.46
C ILE A 23 16.57 23.28 -14.96
N SER A 24 17.64 24.06 -15.17
CA SER A 24 18.99 23.52 -15.22
C SER A 24 19.73 24.05 -14.00
N SER A 25 20.37 23.15 -13.25
CA SER A 25 20.95 23.55 -11.98
C SER A 25 22.34 22.94 -11.80
N THR A 26 23.18 23.64 -11.04
CA THR A 26 24.50 23.14 -10.65
C THR A 26 24.42 22.14 -9.52
N VAL A 27 23.28 21.98 -8.87
CA VAL A 27 23.10 21.00 -7.82
C VAL A 27 21.88 20.14 -8.15
N ALA A 28 21.79 19.00 -7.49
CA ALA A 28 20.66 18.08 -7.70
C ALA A 28 19.96 17.85 -6.36
N ASN A 29 18.92 18.62 -6.09
CA ASN A 29 18.18 18.48 -4.83
C ASN A 29 17.08 17.45 -5.01
N ASP A 30 17.01 16.51 -4.08
CA ASP A 30 15.91 15.56 -3.98
C ASP A 30 14.77 16.25 -3.25
N VAL A 31 13.78 16.72 -4.02
CA VAL A 31 12.71 17.51 -3.43
C VAL A 31 11.55 16.67 -2.90
N ARG A 32 11.67 15.33 -2.94
CA ARG A 32 10.61 14.48 -2.42
C ARG A 32 10.52 14.57 -0.90
N LYS A 33 11.62 14.92 -0.24
CA LYS A 33 11.68 14.85 1.20
C LYS A 33 11.09 16.08 1.91
N TYR A 34 10.72 17.14 1.19
CA TYR A 34 10.25 18.37 1.85
C TYR A 34 8.75 18.31 2.11
N SER A 35 8.35 18.66 3.33
CA SER A 35 6.94 18.89 3.62
C SER A 35 6.59 20.38 3.74
N VAL A 36 7.58 21.26 3.90
CA VAL A 36 7.33 22.70 3.96
C VAL A 36 8.44 23.40 3.18
N VAL A 37 8.07 24.43 2.43
CA VAL A 37 9.03 25.23 1.71
C VAL A 37 8.77 26.69 2.02
N SER A 38 9.76 27.54 1.73
CA SER A 38 9.68 28.97 1.99
C SER A 38 9.99 29.77 0.74
N VAL A 39 9.18 30.80 0.51
CA VAL A 39 9.43 31.78 -0.54
C VAL A 39 9.22 33.16 0.08
N TYR A 40 10.30 33.95 0.17
CA TYR A 40 10.25 35.33 0.66
C TYR A 40 9.59 35.46 2.03
N ASN A 41 10.14 34.77 3.03
CA ASN A 41 9.66 34.84 4.40
C ASN A 41 8.26 34.25 4.59
N ASN A 42 7.73 33.49 3.63
CA ASN A 42 6.43 32.86 3.81
C ASN A 42 6.59 31.35 3.67
N LYS A 43 5.94 30.59 4.54
CA LYS A 43 6.02 29.14 4.54
C LYS A 43 4.80 28.56 3.83
N TYR A 44 5.01 27.49 3.06
CA TYR A 44 3.91 26.82 2.36
C TYR A 44 4.04 25.31 2.54
N ASP A 45 2.89 24.65 2.67
CA ASP A 45 2.82 23.20 2.87
C ASP A 45 2.80 22.47 1.54
N ILE A 46 3.61 21.42 1.44
CA ILE A 46 3.58 20.54 0.28
C ILE A 46 2.34 19.66 0.34
N VAL A 47 1.66 19.53 -0.79
CA VAL A 47 0.44 18.70 -0.86
C VAL A 47 0.84 17.24 -0.69
N LYS A 48 0.09 16.53 0.15
CA LYS A 48 0.30 15.10 0.32
C LYS A 48 -0.50 14.33 -0.72
N ASP A 49 0.18 13.42 -1.43
CA ASP A 49 -0.45 12.36 -2.23
C ASP A 49 -1.11 12.87 -3.51
N LYS A 50 -0.74 14.05 -3.97
CA LYS A 50 -1.11 14.53 -5.28
C LYS A 50 0.02 15.40 -5.79
N TYR A 51 0.28 15.34 -7.09
CA TYR A 51 1.50 15.89 -7.66
C TYR A 51 1.13 16.72 -8.88
N MET A 52 2.14 17.27 -9.55
CA MET A 52 1.93 18.04 -10.76
C MET A 52 2.82 17.45 -11.83
N TRP A 53 2.25 17.07 -12.97
CA TRP A 53 3.07 16.62 -14.08
C TRP A 53 3.61 17.84 -14.82
N CYS A 54 4.92 18.08 -14.72
CA CYS A 54 5.55 19.24 -15.33
C CYS A 54 6.55 18.80 -16.38
N TYR A 55 6.70 19.61 -17.42
CA TYR A 55 7.64 19.27 -18.47
C TYR A 55 8.14 20.55 -19.14
N SER A 56 9.37 20.50 -19.63
CA SER A 56 9.85 21.52 -20.55
C SER A 56 10.43 20.83 -21.76
N GLN A 57 10.46 21.55 -22.87
CA GLN A 57 10.97 21.06 -24.14
C GLN A 57 12.04 22.04 -24.60
N VAL A 58 13.30 21.61 -24.54
CA VAL A 58 14.44 22.47 -24.84
C VAL A 58 15.44 21.65 -25.65
N ASN A 59 15.91 22.23 -26.75
CA ASN A 59 16.94 21.60 -27.59
C ASN A 59 16.53 20.18 -27.99
N LYS A 60 15.31 20.07 -28.51
CA LYS A 60 14.75 18.79 -29.00
C LYS A 60 14.78 17.70 -27.93
N ARG A 61 14.75 18.11 -26.67
CA ARG A 61 14.77 17.21 -25.54
C ARG A 61 13.56 17.50 -24.66
N TYR A 62 12.80 16.46 -24.33
CA TYR A 62 11.64 16.55 -23.46
C TYR A 62 12.06 16.10 -22.06
N ILE A 63 11.70 16.90 -21.06
CA ILE A 63 12.09 16.63 -19.68
C ILE A 63 10.81 16.74 -18.86
N GLY A 64 10.24 15.60 -18.48
CA GLY A 64 9.01 15.59 -17.72
C GLY A 64 9.15 14.78 -16.46
N ALA A 65 8.36 15.15 -15.44
CA ALA A 65 8.39 14.42 -14.18
C ALA A 65 7.20 14.81 -13.31
N LEU A 66 6.80 13.90 -12.42
CA LEU A 66 5.85 14.16 -11.36
C LEU A 66 6.54 14.90 -10.23
N LEU A 67 6.06 16.10 -9.91
CA LEU A 67 6.74 16.93 -8.92
C LEU A 67 5.89 17.18 -7.70
N PRO A 68 6.49 17.32 -6.52
CA PRO A 68 5.73 17.85 -5.38
C PRO A 68 5.21 19.24 -5.70
N MET A 69 4.12 19.62 -5.05
CA MET A 69 3.57 20.96 -5.22
C MET A 69 3.07 21.48 -3.89
N PHE A 70 3.07 22.81 -3.74
CA PHE A 70 2.62 23.47 -2.52
C PHE A 70 1.55 24.50 -2.82
N GLU A 71 0.67 24.71 -1.85
CA GLU A 71 -0.42 25.65 -2.03
C GLU A 71 0.02 27.05 -1.60
N CYS A 72 -0.19 28.02 -2.48
CA CYS A 72 0.15 29.41 -2.22
C CYS A 72 -0.86 30.27 -2.96
N ASN A 73 -1.59 31.11 -2.22
CA ASN A 73 -2.59 31.98 -2.84
C ASN A 73 -1.99 33.26 -3.40
N GLU A 74 -0.79 33.64 -2.95
CA GLU A 74 -0.17 34.83 -3.51
C GLU A 74 0.43 34.51 -4.88
N TYR A 75 0.64 35.56 -5.66
CA TYR A 75 1.30 35.44 -6.94
C TYR A 75 2.82 35.43 -6.76
N LEU A 76 3.45 34.38 -7.27
CA LEU A 76 4.90 34.21 -7.29
C LEU A 76 5.41 34.21 -8.72
N GLN A 77 6.60 34.77 -8.92
CA GLN A 77 7.14 34.99 -10.26
C GLN A 77 8.07 33.85 -10.64
N ILE A 78 8.05 33.49 -11.93
CA ILE A 78 8.96 32.45 -12.40
C ILE A 78 10.39 32.86 -12.07
N GLY A 79 11.16 31.94 -11.51
CA GLY A 79 12.52 32.23 -11.13
C GLY A 79 12.70 32.63 -9.69
N ASP A 80 11.61 32.89 -8.98
CA ASP A 80 11.75 33.22 -7.57
C ASP A 80 12.39 32.05 -6.82
N PRO A 81 13.34 32.33 -5.92
CA PRO A 81 13.97 31.23 -5.17
C PRO A 81 12.99 30.55 -4.23
N ILE A 82 13.11 29.23 -4.14
CA ILE A 82 12.39 28.43 -3.15
C ILE A 82 13.42 27.94 -2.14
N HIS A 83 13.12 28.11 -0.86
CA HIS A 83 14.06 27.74 0.19
C HIS A 83 13.51 26.60 1.04
N ASP A 84 14.41 25.89 1.73
CA ASP A 84 13.98 24.94 2.74
C ASP A 84 13.86 25.68 4.07
N GLN A 85 13.69 24.93 5.16
CA GLN A 85 13.51 25.55 6.47
C GLN A 85 14.82 25.86 7.17
N GLU A 86 15.93 25.82 6.43
CA GLU A 86 17.23 26.17 6.98
C GLU A 86 17.91 27.27 6.16
N GLY A 87 17.16 27.92 5.29
CA GLY A 87 17.67 29.03 4.51
C GLY A 87 18.41 28.67 3.24
N ASN A 88 18.49 27.38 2.92
CA ASN A 88 19.13 26.98 1.67
C ASN A 88 18.14 27.06 0.52
N GLN A 89 18.58 27.64 -0.60
CA GLN A 89 17.77 27.60 -1.81
C GLN A 89 17.78 26.18 -2.37
N ILE A 90 16.61 25.64 -2.68
CA ILE A 90 16.49 24.28 -3.17
C ILE A 90 15.91 24.20 -4.58
N SER A 91 15.30 25.27 -5.09
CA SER A 91 14.63 25.26 -6.39
C SER A 91 14.27 26.71 -6.73
N ILE A 92 13.55 26.89 -7.84
CA ILE A 92 12.97 28.17 -8.23
C ILE A 92 11.53 27.91 -8.66
N ILE A 93 10.72 28.97 -8.61
CA ILE A 93 9.34 28.87 -9.09
C ILE A 93 9.35 28.56 -10.58
N THR A 94 8.59 27.52 -10.98
CA THR A 94 8.50 27.14 -12.40
C THR A 94 7.05 27.09 -12.86
N TYR A 95 6.31 26.02 -12.50
CA TYR A 95 4.98 25.76 -13.02
C TYR A 95 3.92 25.99 -11.94
N ARG A 96 2.70 26.23 -12.40
CA ARG A 96 1.59 26.57 -11.53
C ARG A 96 0.29 25.96 -12.03
N HIS A 97 -0.59 25.59 -11.09
CA HIS A 97 -1.95 25.15 -11.40
C HIS A 97 -2.85 25.83 -10.38
N LYS A 98 -3.51 26.92 -10.81
CA LYS A 98 -4.28 27.75 -9.89
C LYS A 98 -3.43 28.09 -8.67
N ASN A 99 -3.84 27.65 -7.49
CA ASN A 99 -3.11 27.97 -6.26
C ASN A 99 -2.04 26.95 -5.89
N TYR A 100 -1.67 26.04 -6.80
CA TYR A 100 -0.59 25.09 -6.56
C TYR A 100 0.63 25.42 -7.42
N TYR A 101 1.81 25.37 -6.81
CA TYR A 101 3.08 25.62 -7.49
C TYR A 101 3.97 24.38 -7.39
N ALA A 102 4.58 24.00 -8.50
CA ALA A 102 5.50 22.87 -8.53
C ALA A 102 6.81 23.17 -7.82
N LEU A 103 7.37 22.13 -7.20
CA LEU A 103 8.70 22.17 -6.60
C LEU A 103 9.61 21.28 -7.45
N SER A 104 10.37 21.90 -8.36
CA SER A 104 11.14 21.12 -9.33
C SER A 104 12.54 20.81 -8.83
N GLY A 105 13.00 19.60 -9.17
CA GLY A 105 14.26 19.04 -8.70
C GLY A 105 14.22 17.54 -9.00
N ILE A 106 15.03 16.76 -8.28
CA ILE A 106 14.85 15.30 -8.36
C ILE A 106 13.55 14.96 -7.65
N GLY A 107 12.54 14.59 -8.43
CA GLY A 107 11.21 14.35 -7.87
C GLY A 107 10.78 12.91 -8.02
N TYR A 108 9.55 12.67 -8.46
CA TYR A 108 9.05 11.32 -8.60
C TYR A 108 9.19 10.81 -10.02
N GLU A 109 8.25 9.98 -10.45
CA GLU A 109 8.37 9.31 -11.74
C GLU A 109 8.58 10.32 -12.86
N SER A 110 9.44 9.98 -13.82
CA SER A 110 9.87 10.94 -14.82
C SER A 110 9.84 10.32 -16.20
N LEU A 111 9.80 11.20 -17.21
CA LEU A 111 9.84 10.80 -18.61
C LEU A 111 10.74 11.75 -19.36
N ASP A 112 11.75 11.21 -20.04
CA ASP A 112 12.68 11.97 -20.87
C ASP A 112 12.64 11.43 -22.29
N LEU A 113 12.60 12.32 -23.28
CA LEU A 113 12.43 11.89 -24.66
C LEU A 113 13.34 12.67 -25.58
N CYS A 114 13.70 12.03 -26.68
CA CYS A 114 14.32 12.68 -27.82
C CYS A 114 13.19 13.03 -28.79
N LEU A 115 12.96 14.33 -28.98
CA LEU A 115 11.75 14.82 -29.67
C LEU A 115 11.83 14.84 -31.18
N GLU A 116 13.01 14.66 -31.77
CA GLU A 116 13.11 14.68 -33.23
C GLU A 116 12.35 13.51 -33.82
N GLY A 117 11.39 13.81 -34.70
CA GLY A 117 10.64 12.79 -35.42
C GLY A 117 9.38 12.26 -34.73
N VAL A 118 9.24 12.39 -33.42
CA VAL A 118 8.02 11.96 -32.74
C VAL A 118 7.32 13.18 -32.15
N GLY A 119 6.00 13.05 -31.96
CA GLY A 119 5.25 14.07 -31.27
C GLY A 119 4.82 13.63 -29.88
N ILE A 120 4.41 14.56 -29.03
CA ILE A 120 3.95 14.22 -27.69
C ILE A 120 2.73 15.06 -27.34
N HIS A 121 1.76 14.45 -26.68
CA HIS A 121 0.50 15.12 -26.38
C HIS A 121 0.09 14.80 -24.95
N HIS A 122 -0.51 15.78 -24.30
CA HIS A 122 -0.87 15.66 -22.88
C HIS A 122 -2.38 15.72 -22.74
N HIS A 123 -2.92 14.87 -21.88
CA HIS A 123 -4.36 14.73 -21.69
C HIS A 123 -4.67 14.64 -20.21
N VAL A 124 -5.84 15.14 -19.83
CA VAL A 124 -6.41 14.84 -18.51
C VAL A 124 -7.13 13.50 -18.58
N LEU A 125 -6.71 12.55 -17.74
CA LEU A 125 -7.34 11.22 -17.72
C LEU A 125 -8.60 11.29 -16.86
N GLU A 126 -9.76 11.10 -17.49
CA GLU A 126 -11.03 11.13 -16.78
C GLU A 126 -11.14 9.92 -15.85
N THR A 127 -11.65 10.16 -14.65
CA THR A 127 -11.73 9.12 -13.64
C THR A 127 -12.61 7.94 -14.09
N GLY A 128 -12.10 6.73 -13.92
CA GLY A 128 -12.82 5.56 -14.33
C GLY A 128 -12.53 5.13 -15.75
N ASN A 129 -11.77 5.90 -16.50
CA ASN A 129 -11.43 5.54 -17.86
C ASN A 129 -10.19 4.68 -17.88
N ALA A 130 -10.14 3.78 -18.87
CA ALA A 130 -8.96 3.01 -19.21
C ALA A 130 -8.31 3.65 -20.43
N VAL A 131 -7.06 3.29 -20.68
CA VAL A 131 -6.27 3.91 -21.74
C VAL A 131 -5.79 2.83 -22.69
N TYR A 132 -5.96 3.07 -23.99
CA TYR A 132 -5.23 2.32 -25.00
C TYR A 132 -4.68 3.30 -26.02
N GLY A 133 -3.37 3.29 -26.21
CA GLY A 133 -2.75 4.06 -27.25
C GLY A 133 -3.05 5.55 -27.19
N LYS A 134 -3.83 6.04 -28.15
CA LYS A 134 -4.14 7.46 -28.20
C LYS A 134 -5.58 7.76 -27.80
N VAL A 135 -6.27 6.81 -27.16
CA VAL A 135 -7.66 7.00 -26.77
C VAL A 135 -7.82 6.62 -25.30
N GLN A 136 -8.88 7.16 -24.70
CA GLN A 136 -9.29 6.81 -23.35
C GLN A 136 -10.80 6.61 -23.33
N HIS A 137 -11.25 5.55 -22.66
CA HIS A 137 -12.67 5.20 -22.61
C HIS A 137 -12.94 4.23 -21.46
N ASP A 138 -14.18 3.80 -21.35
CA ASP A 138 -14.55 2.80 -20.36
C ASP A 138 -13.82 1.49 -20.65
N TYR A 139 -13.70 0.65 -19.62
CA TYR A 139 -12.93 -0.58 -19.73
C TYR A 139 -13.35 -1.44 -20.92
N SER A 140 -14.65 -1.69 -21.09
CA SER A 140 -15.08 -2.62 -22.14
C SER A 140 -14.71 -2.10 -23.53
N THR A 141 -14.88 -0.80 -23.77
CA THR A 141 -14.50 -0.24 -25.07
C THR A 141 -13.01 -0.39 -25.28
N ILE A 142 -12.22 -0.12 -24.25
CA ILE A 142 -10.76 -0.19 -24.39
C ILE A 142 -10.33 -1.63 -24.62
N LYS A 143 -10.92 -2.56 -23.86
CA LYS A 143 -10.57 -3.97 -24.03
C LYS A 143 -10.85 -4.44 -25.44
N GLU A 144 -12.01 -4.08 -26.00
CA GLU A 144 -12.32 -4.49 -27.37
C GLU A 144 -11.39 -3.83 -28.38
N LYS A 145 -11.02 -2.56 -28.14
CA LYS A 145 -10.08 -1.89 -29.04
C LYS A 145 -8.73 -2.60 -29.03
N ALA A 146 -8.24 -2.94 -27.84
CA ALA A 146 -6.94 -3.61 -27.73
C ALA A 146 -6.94 -4.94 -28.45
N LYS A 147 -8.02 -5.72 -28.32
CA LYS A 147 -8.07 -7.01 -28.99
C LYS A 147 -8.09 -6.85 -30.51
N GLU A 148 -8.82 -5.83 -31.00
CA GLU A 148 -8.83 -5.54 -32.44
C GLU A 148 -7.42 -5.25 -32.95
N MET A 149 -6.70 -4.36 -32.27
CA MET A 149 -5.35 -3.99 -32.71
C MET A 149 -4.36 -5.13 -32.56
N ASN A 150 -4.73 -6.22 -31.88
CA ASN A 150 -3.82 -7.34 -31.70
C ASN A 150 -3.49 -7.99 -33.03
N ALA A 151 -4.39 -7.90 -34.01
CA ALA A 151 -4.14 -8.51 -35.30
C ALA A 151 -3.04 -7.78 -36.09
N LEU A 152 -2.91 -6.48 -35.89
CA LEU A 152 -1.93 -5.69 -36.64
C LEU A 152 -0.51 -5.94 -36.15
N SER A 153 0.44 -5.87 -37.10
CA SER A 153 1.86 -5.88 -36.79
C SER A 153 2.29 -4.50 -36.31
N PRO A 154 3.16 -4.42 -35.31
CA PRO A 154 3.56 -3.11 -34.79
C PRO A 154 4.45 -2.35 -35.75
N GLY A 155 4.18 -1.06 -35.88
CA GLY A 155 5.03 -0.18 -36.65
C GLY A 155 5.84 0.72 -35.75
N PRO A 156 6.66 1.59 -36.33
CA PRO A 156 7.49 2.48 -35.52
C PRO A 156 6.64 3.48 -34.74
N ILE A 157 7.14 3.85 -33.55
CA ILE A 157 6.48 4.87 -32.76
C ILE A 157 6.51 6.20 -33.48
N ILE A 158 5.36 6.87 -33.53
CA ILE A 158 5.28 8.21 -34.09
C ILE A 158 4.76 9.23 -33.08
N ASP A 159 4.08 8.82 -32.01
CA ASP A 159 3.51 9.78 -31.08
C ASP A 159 3.49 9.17 -29.68
N TYR A 160 3.75 10.01 -28.69
CA TYR A 160 3.59 9.67 -27.28
C TYR A 160 2.40 10.42 -26.70
N HIS A 161 1.71 9.78 -25.76
CA HIS A 161 0.54 10.36 -25.13
C HIS A 161 0.68 10.21 -23.62
N VAL A 162 0.58 11.33 -22.92
CA VAL A 162 0.71 11.41 -21.47
C VAL A 162 -0.68 11.61 -20.89
N TRP A 163 -1.06 10.73 -19.96
CA TRP A 163 -2.41 10.69 -19.38
C TRP A 163 -2.29 10.99 -17.89
N ILE A 164 -2.79 12.14 -17.47
CA ILE A 164 -2.66 12.59 -16.09
C ILE A 164 -4.04 12.50 -15.45
N GLY A 165 -4.20 11.58 -14.49
CA GLY A 165 -5.48 11.37 -13.83
C GLY A 165 -5.38 11.59 -12.33
N ASP A 166 -6.55 11.57 -11.68
CA ASP A 166 -6.63 11.83 -10.24
C ASP A 166 -6.01 10.70 -9.41
N CYS A 167 -5.98 9.47 -9.94
CA CYS A 167 -5.42 8.35 -9.20
C CYS A 167 -4.23 7.69 -9.88
N ILE A 168 -3.97 8.00 -11.15
CA ILE A 168 -2.92 7.30 -11.88
C ILE A 168 -2.48 8.18 -13.03
N CYS A 169 -1.25 8.00 -13.46
CA CYS A 169 -0.73 8.62 -14.66
C CYS A 169 -0.17 7.54 -15.57
N GLN A 170 -0.31 7.74 -16.87
CA GLN A 170 0.21 6.79 -17.83
C GLN A 170 0.85 7.50 -19.00
N VAL A 171 1.81 6.82 -19.64
CA VAL A 171 2.39 7.26 -20.90
C VAL A 171 2.30 6.11 -21.89
N THR A 172 1.69 6.37 -23.05
CA THR A 172 1.60 5.42 -24.14
C THR A 172 2.30 5.95 -25.38
N ALA A 173 2.66 5.02 -26.26
CA ALA A 173 3.23 5.32 -27.56
C ALA A 173 2.46 4.54 -28.62
N VAL A 174 2.21 5.20 -29.77
CA VAL A 174 1.43 4.59 -30.85
C VAL A 174 2.22 4.66 -32.15
N ASP A 175 1.86 3.75 -33.06
CA ASP A 175 2.34 3.80 -34.43
C ASP A 175 1.31 4.54 -35.29
N VAL A 176 1.51 4.53 -36.60
CA VAL A 176 0.62 5.30 -37.47
C VAL A 176 -0.78 4.71 -37.51
N HIS A 177 -0.95 3.43 -37.16
CA HIS A 177 -2.27 2.80 -37.13
C HIS A 177 -2.98 2.97 -35.79
N GLY A 178 -2.35 3.64 -34.83
CA GLY A 178 -2.93 3.77 -33.51
C GLY A 178 -2.66 2.61 -32.59
N LYS A 179 -1.85 1.63 -33.01
CA LYS A 179 -1.55 0.51 -32.14
C LYS A 179 -0.63 0.95 -31.02
N GLU A 180 -0.93 0.50 -29.81
CA GLU A 180 -0.12 0.81 -28.65
C GLU A 180 1.16 0.01 -28.68
N ILE A 181 2.29 0.70 -28.79
CA ILE A 181 3.58 0.04 -28.84
C ILE A 181 4.16 -0.11 -27.44
N MET A 182 3.86 0.83 -26.55
CA MET A 182 4.42 0.84 -25.21
C MET A 182 3.42 1.54 -24.29
N ARG A 183 3.41 1.11 -23.03
CA ARG A 183 2.60 1.71 -21.97
C ARG A 183 3.41 1.68 -20.69
N MET A 184 3.64 2.84 -20.08
CA MET A 184 4.14 2.86 -18.71
C MET A 184 3.04 3.44 -17.83
N ARG A 185 2.97 2.99 -16.58
CA ARG A 185 1.99 3.48 -15.63
C ARG A 185 2.70 4.03 -14.40
N PHE A 186 2.32 5.23 -13.97
CA PHE A 186 2.81 5.81 -12.72
C PHE A 186 1.66 5.78 -11.72
N LYS A 187 1.85 5.13 -10.58
CA LYS A 187 0.76 4.92 -9.64
C LYS A 187 0.66 6.08 -8.65
N LYS A 188 0.34 7.24 -9.20
CA LYS A 188 0.16 8.47 -8.45
C LYS A 188 -0.87 9.34 -9.18
N GLY A 189 -1.62 10.12 -8.41
CA GLY A 189 -2.53 11.10 -9.01
C GLY A 189 -1.87 12.47 -9.13
N ALA A 190 -2.27 13.24 -10.13
CA ALA A 190 -1.60 14.51 -10.41
C ALA A 190 -2.51 15.43 -11.22
N VAL A 191 -2.02 16.66 -11.42
CA VAL A 191 -2.66 17.64 -12.28
C VAL A 191 -1.63 18.14 -13.29
N LEU A 192 -2.12 18.80 -14.33
CA LEU A 192 -1.26 19.44 -15.33
C LEU A 192 -1.14 20.93 -15.02
N PRO A 193 -0.04 21.59 -15.45
CA PRO A 193 0.06 23.04 -15.24
C PRO A 193 -0.92 23.78 -16.12
N ILE A 194 -1.33 24.94 -15.63
CA ILE A 194 -2.15 25.89 -16.36
C ILE A 194 -1.27 27.09 -16.72
N PRO A 195 -1.08 27.39 -18.01
CA PRO A 195 -0.19 28.47 -18.51
C PRO A 195 -0.57 29.88 -18.03
N SER B 1 -18.68 -15.17 -9.59
CA SER B 1 -18.89 -16.48 -9.01
C SER B 1 -17.71 -16.86 -8.12
N MET B 2 -16.58 -17.13 -8.77
CA MET B 2 -15.33 -17.43 -8.07
C MET B 2 -14.19 -16.77 -8.84
N ALA B 3 -13.32 -16.06 -8.12
CA ALA B 3 -12.20 -15.40 -8.76
C ALA B 3 -11.23 -16.45 -9.31
N MET B 4 -10.91 -16.35 -10.61
CA MET B 4 -10.00 -17.29 -11.25
C MET B 4 -8.66 -16.62 -11.51
N PHE B 5 -7.60 -17.40 -11.37
CA PHE B 5 -6.22 -16.97 -11.58
C PHE B 5 -5.49 -18.03 -12.37
N TYR B 6 -4.86 -17.63 -13.48
CA TYR B 6 -4.17 -18.56 -14.37
C TYR B 6 -2.72 -18.14 -14.51
N ALA B 7 -1.81 -19.10 -14.35
CA ALA B 7 -0.39 -18.78 -14.40
C ALA B 7 0.08 -18.78 -15.84
N HIS B 8 0.71 -17.67 -16.26
CA HIS B 8 1.26 -17.58 -17.61
C HIS B 8 2.30 -18.67 -17.83
N ALA B 9 3.06 -19.00 -16.80
CA ALA B 9 4.08 -20.03 -16.91
C ALA B 9 3.48 -21.42 -17.17
N LEU B 10 2.20 -21.62 -16.87
CA LEU B 10 1.48 -22.84 -17.19
C LEU B 10 0.59 -22.66 -18.40
N GLY B 11 0.93 -21.70 -19.28
CA GLY B 11 0.16 -21.45 -20.48
C GLY B 11 -1.18 -20.77 -20.27
N GLY B 12 -1.35 -20.04 -19.18
CA GLY B 12 -2.66 -19.52 -18.87
C GLY B 12 -3.00 -18.13 -19.38
N TYR B 13 -2.18 -17.52 -20.23
CA TYR B 13 -2.50 -16.17 -20.70
C TYR B 13 -3.77 -16.16 -21.54
N ASP B 14 -4.65 -15.20 -21.25
CA ASP B 14 -5.90 -15.01 -21.98
C ASP B 14 -6.10 -13.51 -22.19
N GLU B 15 -6.15 -13.08 -23.45
CA GLU B 15 -6.27 -11.65 -23.76
C GLU B 15 -7.53 -11.02 -23.19
N ASN B 16 -8.56 -11.83 -22.92
CA ASN B 16 -9.83 -11.33 -22.40
C ASN B 16 -9.81 -11.06 -20.90
N LEU B 17 -8.77 -11.50 -20.20
CA LEU B 17 -8.71 -11.35 -18.75
C LEU B 17 -7.77 -10.22 -18.40
N HIS B 18 -7.80 -9.79 -17.14
CA HIS B 18 -6.84 -8.81 -16.64
C HIS B 18 -5.45 -9.42 -16.70
N ALA B 19 -4.46 -8.60 -17.08
CA ALA B 19 -3.08 -9.08 -17.27
C ALA B 19 -2.13 -8.41 -16.28
N PHE B 20 -1.43 -9.22 -15.51
CA PHE B 20 -0.39 -8.79 -14.58
C PHE B 20 0.81 -9.70 -14.83
N PRO B 21 1.98 -9.37 -14.28
CA PRO B 21 3.13 -10.27 -14.47
C PRO B 21 2.80 -11.68 -13.99
N GLY B 22 2.85 -12.63 -14.92
CA GLY B 22 2.65 -14.04 -14.65
C GLY B 22 1.23 -14.48 -14.44
N ILE B 23 0.24 -13.59 -14.51
CA ILE B 23 -1.14 -13.91 -14.13
C ILE B 23 -2.11 -13.32 -15.14
N SER B 24 -3.06 -14.13 -15.58
CA SER B 24 -4.29 -13.65 -16.17
C SER B 24 -5.42 -14.00 -15.20
N SER B 25 -6.25 -13.02 -14.84
CA SER B 25 -7.25 -13.22 -13.80
C SER B 25 -8.59 -12.63 -14.23
N THR B 26 -9.66 -13.20 -13.68
CA THR B 26 -11.00 -12.65 -13.86
C THR B 26 -11.26 -11.46 -12.95
N VAL B 27 -10.38 -11.19 -11.99
CA VAL B 27 -10.50 -10.05 -11.09
C VAL B 27 -9.21 -9.24 -11.15
N ALA B 28 -9.30 -7.98 -10.71
CA ALA B 28 -8.17 -7.07 -10.67
C ALA B 28 -7.98 -6.61 -9.23
N ASN B 29 -7.12 -7.30 -8.49
CA ASN B 29 -6.88 -6.95 -7.10
C ASN B 29 -5.76 -5.93 -7.02
N ASP B 30 -6.02 -4.85 -6.28
CA ASP B 30 -5.01 -3.85 -5.98
C ASP B 30 -4.20 -4.39 -4.81
N VAL B 31 -3.03 -4.95 -5.10
CA VAL B 31 -2.24 -5.62 -4.07
C VAL B 31 -1.31 -4.68 -3.32
N ARG B 32 -1.36 -3.35 -3.60
CA ARG B 32 -0.53 -2.39 -2.88
C ARG B 32 -0.95 -2.24 -1.43
N LYS B 33 -2.22 -2.55 -1.11
CA LYS B 33 -2.71 -2.20 0.22
C LYS B 33 -2.39 -3.24 1.29
N TYR B 34 -1.86 -4.41 0.92
CA TYR B 34 -1.63 -5.50 1.86
C TYR B 34 -0.28 -5.37 2.54
N SER B 35 -0.27 -5.52 3.86
CA SER B 35 0.98 -5.64 4.58
C SER B 35 1.27 -7.06 5.04
N VAL B 36 0.28 -7.95 5.07
CA VAL B 36 0.48 -9.36 5.39
C VAL B 36 -0.40 -10.20 4.48
N VAL B 37 0.12 -11.35 4.05
CA VAL B 37 -0.60 -12.30 3.21
C VAL B 37 -0.48 -13.69 3.85
N SER B 38 -1.32 -14.62 3.38
CA SER B 38 -1.36 -16.00 3.85
C SER B 38 -1.19 -16.97 2.69
N VAL B 39 -0.33 -17.97 2.88
CA VAL B 39 -0.18 -19.07 1.94
C VAL B 39 -0.18 -20.34 2.78
N TYR B 40 -1.20 -21.17 2.57
CA TYR B 40 -1.40 -22.41 3.31
C TYR B 40 -1.49 -22.17 4.82
N ASN B 41 -2.36 -21.21 5.18
CA ASN B 41 -2.69 -20.87 6.56
C ASN B 41 -1.49 -20.34 7.35
N ASN B 42 -0.45 -19.91 6.65
CA ASN B 42 0.72 -19.32 7.30
C ASN B 42 0.81 -17.88 6.84
N LYS B 43 1.11 -16.97 7.77
CA LYS B 43 1.15 -15.55 7.48
C LYS B 43 2.57 -15.10 7.21
N TYR B 44 2.73 -14.19 6.24
CA TYR B 44 4.02 -13.63 5.86
C TYR B 44 3.90 -12.11 5.72
N ASP B 45 4.98 -11.42 6.08
CA ASP B 45 5.00 -9.95 6.07
C ASP B 45 5.44 -9.43 4.71
N ILE B 46 4.70 -8.45 4.18
CA ILE B 46 5.10 -7.76 2.96
C ILE B 46 6.26 -6.84 3.27
N VAL B 47 7.28 -6.86 2.41
CA VAL B 47 8.48 -6.06 2.63
C VAL B 47 8.16 -4.58 2.47
N LYS B 48 8.63 -3.76 3.40
CA LYS B 48 8.44 -2.32 3.30
C LYS B 48 9.53 -1.70 2.43
N ASP B 49 9.10 -0.95 1.41
CA ASP B 49 9.97 -0.01 0.67
C ASP B 49 10.99 -0.69 -0.23
N LYS B 50 10.79 -1.96 -0.57
CA LYS B 50 11.60 -2.60 -1.59
C LYS B 50 10.68 -3.60 -2.28
N TYR B 51 10.85 -3.73 -3.59
CA TYR B 51 9.88 -4.42 -4.44
C TYR B 51 10.60 -5.40 -5.35
N MET B 52 9.84 -6.08 -6.21
CA MET B 52 10.39 -7.03 -7.17
C MET B 52 9.92 -6.64 -8.55
N TRP B 53 10.86 -6.44 -9.48
CA TRP B 53 10.47 -6.22 -10.87
C TRP B 53 10.17 -7.57 -11.52
N CYS B 54 8.91 -7.81 -11.85
CA CYS B 54 8.51 -9.07 -12.44
C CYS B 54 7.93 -8.84 -13.83
N TYR B 55 8.13 -9.82 -14.71
CA TYR B 55 7.62 -9.70 -16.06
C TYR B 55 7.35 -11.09 -16.63
N SER B 56 6.36 -11.16 -17.50
CA SER B 56 6.18 -12.32 -18.35
C SER B 56 6.07 -11.83 -19.79
N GLN B 57 6.41 -12.73 -20.72
CA GLN B 57 6.37 -12.46 -22.15
C GLN B 57 5.49 -13.54 -22.76
N VAL B 58 4.30 -13.14 -23.20
CA VAL B 58 3.29 -14.08 -23.71
C VAL B 58 2.64 -13.46 -24.94
N ASN B 59 2.53 -14.22 -26.02
CA ASN B 59 1.86 -13.77 -27.24
C ASN B 59 2.40 -12.43 -27.72
N LYS B 60 3.74 -12.36 -27.80
CA LYS B 60 4.46 -11.18 -28.29
C LYS B 60 4.15 -9.92 -27.49
N ARG B 61 3.75 -10.09 -26.22
CA ARG B 61 3.39 -8.98 -25.34
C ARG B 61 4.22 -9.07 -24.06
N TYR B 62 4.85 -7.98 -23.67
CA TYR B 62 5.63 -7.89 -22.44
C TYR B 62 4.78 -7.24 -21.36
N ILE B 63 4.74 -7.87 -20.18
CA ILE B 63 3.92 -7.43 -19.07
C ILE B 63 4.82 -7.39 -17.84
N GLY B 64 5.26 -6.20 -17.44
CA GLY B 64 6.16 -6.05 -16.31
C GLY B 64 5.63 -5.02 -15.35
N ALA B 65 6.03 -5.15 -14.08
CA ALA B 65 5.60 -4.20 -13.06
C ALA B 65 6.45 -4.39 -11.81
N LEU B 66 6.51 -3.31 -11.01
CA LEU B 66 7.05 -3.39 -9.66
C LEU B 66 5.97 -3.95 -8.74
N LEU B 67 6.25 -5.09 -8.10
CA LEU B 67 5.26 -5.77 -7.28
C LEU B 67 5.71 -5.81 -5.83
N PRO B 68 4.77 -5.77 -4.89
CA PRO B 68 5.11 -6.10 -3.50
C PRO B 68 5.68 -7.51 -3.42
N MET B 69 6.47 -7.76 -2.38
CA MET B 69 7.01 -9.10 -2.17
C MET B 69 7.01 -9.39 -0.67
N PHE B 70 6.93 -10.68 -0.33
CA PHE B 70 6.91 -11.10 1.06
C PHE B 70 7.99 -12.15 1.30
N GLU B 71 8.49 -12.16 2.54
CA GLU B 71 9.55 -13.09 2.91
C GLU B 71 8.95 -14.42 3.40
N CYS B 72 9.43 -15.52 2.83
CA CYS B 72 8.94 -16.85 3.21
C CYS B 72 10.08 -17.82 3.05
N ASN B 73 10.40 -18.54 4.14
CA ASN B 73 11.46 -19.55 4.11
C ASN B 73 10.98 -20.89 3.59
N GLU B 74 9.67 -21.14 3.61
CA GLU B 74 9.15 -22.38 3.07
C GLU B 74 9.11 -22.33 1.54
N TYR B 75 9.08 -23.53 0.94
CA TYR B 75 8.96 -23.66 -0.49
C TYR B 75 7.50 -23.53 -0.91
N LEU B 76 7.23 -22.57 -1.78
CA LEU B 76 5.90 -22.39 -2.35
C LEU B 76 5.97 -22.65 -3.84
N GLN B 77 4.94 -23.29 -4.37
CA GLN B 77 4.91 -23.74 -5.74
C GLN B 77 4.17 -22.74 -6.63
N ILE B 78 4.66 -22.58 -7.86
CA ILE B 78 4.00 -21.68 -8.80
C ILE B 78 2.54 -22.07 -8.92
N GLY B 79 1.66 -21.09 -8.83
CA GLY B 79 0.23 -21.33 -8.91
C GLY B 79 -0.46 -21.51 -7.58
N ASP B 80 0.29 -21.68 -6.49
CA ASP B 80 -0.33 -21.82 -5.18
C ASP B 80 -1.08 -20.54 -4.83
N PRO B 81 -2.29 -20.64 -4.26
CA PRO B 81 -3.05 -19.42 -3.95
C PRO B 81 -2.43 -18.59 -2.84
N ILE B 82 -2.51 -17.27 -3.00
CA ILE B 82 -2.13 -16.32 -1.97
C ILE B 82 -3.41 -15.72 -1.41
N HIS B 83 -3.53 -15.69 -0.10
CA HIS B 83 -4.73 -15.19 0.56
C HIS B 83 -4.41 -13.93 1.34
N ASP B 84 -5.47 -13.18 1.67
CA ASP B 84 -5.35 -12.09 2.64
C ASP B 84 -5.57 -12.69 4.02
N GLN B 85 -5.74 -11.85 5.04
CA GLN B 85 -5.97 -12.36 6.38
C GLN B 85 -7.36 -12.93 6.56
N GLU B 86 -8.32 -12.54 5.73
CA GLU B 86 -9.69 -13.03 5.86
C GLU B 86 -9.94 -14.30 5.06
N GLY B 87 -8.90 -14.91 4.50
CA GLY B 87 -9.07 -16.14 3.75
C GLY B 87 -9.46 -15.97 2.30
N ASN B 88 -9.58 -14.73 1.80
CA ASN B 88 -9.91 -14.54 0.39
C ASN B 88 -8.66 -14.69 -0.47
N GLN B 89 -8.78 -15.40 -1.58
CA GLN B 89 -7.67 -15.47 -2.51
C GLN B 89 -7.52 -14.14 -3.24
N ILE B 90 -6.28 -13.64 -3.28
CA ILE B 90 -6.00 -12.37 -3.94
C ILE B 90 -4.98 -12.49 -5.07
N SER B 91 -4.26 -13.60 -5.17
CA SER B 91 -3.18 -13.76 -6.14
C SER B 91 -2.77 -15.23 -6.13
N ILE B 92 -1.73 -15.55 -6.90
CA ILE B 92 -1.10 -16.88 -6.88
C ILE B 92 0.41 -16.68 -6.86
N ILE B 93 1.12 -17.70 -6.40
CA ILE B 93 2.58 -17.65 -6.43
C ILE B 93 3.04 -17.55 -7.87
N THR B 94 3.96 -16.61 -8.15
CA THR B 94 4.51 -16.46 -9.50
C THR B 94 6.04 -16.45 -9.47
N TYR B 95 6.64 -15.32 -9.06
CA TYR B 95 8.07 -15.10 -9.13
C TYR B 95 8.69 -15.12 -7.74
N ARG B 96 9.99 -15.42 -7.71
CA ARG B 96 10.71 -15.61 -6.46
C ARG B 96 12.12 -15.03 -6.60
N HIS B 97 12.66 -14.52 -5.48
CA HIS B 97 14.06 -14.09 -5.37
C HIS B 97 14.55 -14.60 -4.02
N LYS B 98 15.25 -15.73 -4.03
CA LYS B 98 15.63 -16.42 -2.80
C LYS B 98 14.41 -16.57 -1.91
N ASN B 99 14.42 -15.95 -0.73
CA ASN B 99 13.34 -16.06 0.24
C ASN B 99 12.25 -14.99 0.09
N TYR B 100 12.22 -14.25 -1.01
CA TYR B 100 11.17 -13.28 -1.28
C TYR B 100 10.28 -13.77 -2.43
N TYR B 101 8.98 -13.64 -2.25
CA TYR B 101 8.00 -14.01 -3.27
C TYR B 101 7.19 -12.79 -3.71
N ALA B 102 7.01 -12.64 -5.02
CA ALA B 102 6.20 -11.57 -5.54
C ALA B 102 4.72 -11.78 -5.25
N LEU B 103 4.03 -10.67 -5.04
CA LEU B 103 2.57 -10.64 -4.92
C LEU B 103 2.04 -9.93 -6.15
N SER B 104 1.57 -10.69 -7.12
CA SER B 104 1.21 -10.15 -8.41
C SER B 104 -0.26 -9.77 -8.47
N GLY B 105 -0.54 -8.67 -9.17
CA GLY B 105 -1.85 -8.05 -9.27
C GLY B 105 -1.65 -6.62 -9.75
N ILE B 106 -2.65 -5.76 -9.50
CA ILE B 106 -2.41 -4.34 -9.76
C ILE B 106 -1.40 -3.85 -8.73
N GLY B 107 -0.18 -3.57 -9.18
CA GLY B 107 0.88 -3.22 -8.26
C GLY B 107 1.36 -1.79 -8.45
N TYR B 108 2.68 -1.60 -8.46
CA TYR B 108 3.22 -0.25 -8.58
C TYR B 108 3.59 0.01 -10.04
N GLU B 109 4.63 0.81 -10.29
CA GLU B 109 4.94 1.26 -11.64
C GLU B 109 5.11 0.06 -12.58
N SER B 110 4.60 0.20 -13.81
CA SER B 110 4.56 -0.94 -14.72
C SER B 110 5.04 -0.55 -16.11
N LEU B 111 5.41 -1.58 -16.87
CA LEU B 111 5.83 -1.43 -18.26
C LEU B 111 5.22 -2.54 -19.11
N ASP B 112 4.53 -2.14 -20.17
CA ASP B 112 3.95 -3.06 -21.14
C ASP B 112 4.52 -2.71 -22.51
N LEU B 113 4.88 -3.73 -23.28
CA LEU B 113 5.56 -3.56 -24.56
C LEU B 113 5.00 -4.53 -25.59
N CYS B 114 5.12 -4.13 -26.86
CA CYS B 114 4.95 -5.03 -27.99
C CYS B 114 6.33 -5.55 -28.37
N LEU B 115 6.53 -6.86 -28.24
CA LEU B 115 7.89 -7.39 -28.38
C LEU B 115 8.32 -7.62 -29.82
N GLU B 116 7.39 -7.55 -30.78
CA GLU B 116 7.75 -7.79 -32.17
C GLU B 116 8.73 -6.72 -32.64
N GLY B 117 9.89 -7.16 -33.14
CA GLY B 117 10.89 -6.28 -33.73
C GLY B 117 11.88 -5.62 -32.78
N VAL B 118 11.55 -5.45 -31.51
CA VAL B 118 12.48 -4.87 -30.55
C VAL B 118 12.89 -5.91 -29.52
N GLY B 119 14.06 -5.72 -28.94
CA GLY B 119 14.50 -6.58 -27.85
C GLY B 119 14.44 -5.88 -26.51
N ILE B 120 14.48 -6.65 -25.43
CA ILE B 120 14.43 -6.09 -24.10
C ILE B 120 15.45 -6.83 -23.23
N HIS B 121 16.17 -6.07 -22.40
CA HIS B 121 17.24 -6.64 -21.59
C HIS B 121 17.15 -6.08 -20.18
N HIS B 122 17.49 -6.91 -19.20
CA HIS B 122 17.37 -6.56 -17.80
C HIS B 122 18.73 -6.56 -17.16
N HIS B 123 18.97 -5.54 -16.32
CA HIS B 123 20.26 -5.29 -15.70
C HIS B 123 20.04 -4.97 -14.23
N VAL B 124 21.00 -5.36 -13.40
CA VAL B 124 21.06 -4.85 -12.04
C VAL B 124 21.77 -3.50 -12.06
N LEU B 125 21.10 -2.46 -11.58
CA LEU B 125 21.71 -1.14 -11.52
C LEU B 125 22.59 -1.07 -10.27
N GLU B 126 23.90 -0.96 -10.49
CA GLU B 126 24.84 -0.86 -9.39
C GLU B 126 24.64 0.44 -8.63
N THR B 127 24.77 0.38 -7.31
CA THR B 127 24.57 1.56 -6.48
C THR B 127 25.56 2.66 -6.86
N GLY B 128 25.05 3.88 -7.04
CA GLY B 128 25.87 5.01 -7.39
C GLY B 128 26.03 5.25 -8.88
N ASN B 129 25.57 4.33 -9.73
CA ASN B 129 25.72 4.48 -11.16
C ASN B 129 24.59 5.29 -11.77
N ALA B 130 24.93 6.01 -12.84
CA ALA B 130 23.96 6.67 -13.70
C ALA B 130 23.79 5.83 -14.95
N VAL B 131 22.70 6.11 -15.68
CA VAL B 131 22.32 5.31 -16.84
C VAL B 131 22.21 6.24 -18.05
N TYR B 132 22.81 5.82 -19.16
CA TYR B 132 22.47 6.38 -20.47
C TYR B 132 22.33 5.23 -21.45
N GLY B 133 21.19 5.16 -22.12
CA GLY B 133 20.99 4.19 -23.16
C GLY B 133 21.19 2.75 -22.72
N LYS B 134 22.26 2.13 -23.21
CA LYS B 134 22.55 0.73 -22.92
C LYS B 134 23.71 0.55 -21.94
N VAL B 135 24.14 1.62 -21.28
CA VAL B 135 25.29 1.54 -20.38
C VAL B 135 24.93 2.14 -19.03
N GLN B 136 25.68 1.74 -18.01
CA GLN B 136 25.58 2.31 -16.68
C GLN B 136 27.00 2.60 -16.20
N HIS B 137 27.20 3.77 -15.59
CA HIS B 137 28.54 4.18 -15.17
C HIS B 137 28.41 5.32 -14.16
N ASP B 138 29.57 5.82 -13.71
CA ASP B 138 29.59 6.98 -12.84
C ASP B 138 29.08 8.21 -13.59
N TYR B 139 28.62 9.20 -12.82
CA TYR B 139 27.96 10.36 -13.41
C TYR B 139 28.79 11.04 -14.50
N SER B 140 30.08 11.28 -14.26
CA SER B 140 30.86 12.03 -15.24
C SER B 140 30.96 11.29 -16.57
N THR B 141 31.17 9.96 -16.51
CA THR B 141 31.22 9.17 -17.73
C THR B 141 29.90 9.23 -18.47
N ILE B 142 28.79 9.14 -17.73
CA ILE B 142 27.48 9.14 -18.38
C ILE B 142 27.20 10.50 -19.02
N LYS B 143 27.51 11.58 -18.32
CA LYS B 143 27.28 12.91 -18.88
C LYS B 143 28.10 13.10 -20.14
N GLU B 144 29.35 12.66 -20.12
CA GLU B 144 30.22 12.79 -21.28
C GLU B 144 29.69 11.97 -22.46
N LYS B 145 29.20 10.76 -22.18
CA LYS B 145 28.62 9.94 -23.23
C LYS B 145 27.38 10.61 -23.81
N ALA B 146 26.52 11.15 -22.95
CA ALA B 146 25.30 11.79 -23.40
C ALA B 146 25.59 12.97 -24.31
N LYS B 147 26.59 13.79 -23.96
CA LYS B 147 26.92 14.94 -24.78
C LYS B 147 27.46 14.50 -26.14
N GLU B 148 28.28 13.45 -26.17
CA GLU B 148 28.74 12.92 -27.44
C GLU B 148 27.57 12.50 -28.33
N MET B 149 26.63 11.74 -27.77
CA MET B 149 25.48 11.28 -28.55
C MET B 149 24.50 12.40 -28.89
N ASN B 150 24.66 13.56 -28.28
CA ASN B 150 23.74 14.66 -28.53
C ASN B 150 23.85 15.15 -29.97
N ALA B 151 25.01 14.94 -30.60
CA ALA B 151 25.19 15.36 -31.99
C ALA B 151 24.41 14.48 -32.97
N LEU B 152 24.23 13.20 -32.64
CA LEU B 152 23.61 12.28 -33.58
C LEU B 152 22.10 12.52 -33.72
N SER B 153 21.59 12.30 -34.94
CA SER B 153 20.15 12.32 -35.13
C SER B 153 19.55 11.02 -34.61
N PRO B 154 18.41 11.09 -33.94
CA PRO B 154 17.83 9.87 -33.35
C PRO B 154 17.26 8.95 -34.43
N GLY B 155 17.49 7.65 -34.25
CA GLY B 155 16.91 6.66 -35.13
C GLY B 155 15.78 5.95 -34.42
N PRO B 156 15.19 4.96 -35.09
CA PRO B 156 14.09 4.20 -34.47
C PRO B 156 14.60 3.37 -33.30
N ILE B 157 13.72 3.20 -32.31
CA ILE B 157 14.04 2.33 -31.17
C ILE B 157 14.19 0.89 -31.65
N ILE B 158 15.26 0.23 -31.22
CA ILE B 158 15.43 -1.19 -31.47
C ILE B 158 15.57 -2.02 -30.20
N ASP B 159 15.88 -1.42 -29.05
CA ASP B 159 16.06 -2.18 -27.82
C ASP B 159 15.63 -1.35 -26.62
N TYR B 160 15.04 -2.04 -25.65
CA TYR B 160 14.72 -1.51 -24.34
C TYR B 160 15.64 -2.13 -23.30
N HIS B 161 15.98 -1.35 -22.28
CA HIS B 161 16.86 -1.81 -21.22
C HIS B 161 16.21 -1.46 -19.89
N VAL B 162 16.06 -2.46 -19.02
CA VAL B 162 15.44 -2.30 -17.70
C VAL B 162 16.54 -2.31 -16.66
N TRP B 163 16.58 -1.27 -15.82
CA TRP B 163 17.64 -1.07 -14.83
C TRP B 163 17.02 -1.13 -13.44
N ILE B 164 17.35 -2.18 -12.68
CA ILE B 164 16.75 -2.43 -11.37
C ILE B 164 17.81 -2.16 -10.32
N GLY B 165 17.61 -1.11 -9.52
CA GLY B 165 18.58 -0.72 -8.50
C GLY B 165 18.00 -0.74 -7.09
N ASP B 166 18.90 -0.57 -6.12
CA ASP B 166 18.47 -0.58 -4.72
C ASP B 166 17.64 0.65 -4.35
N CYS B 167 17.80 1.79 -5.07
CA CYS B 167 17.02 2.98 -4.76
C CYS B 167 16.16 3.48 -5.91
N ILE B 168 16.36 3.00 -7.12
CA ILE B 168 15.68 3.54 -8.27
C ILE B 168 15.63 2.46 -9.33
N CYS B 169 14.63 2.53 -10.20
CA CYS B 169 14.56 1.69 -11.38
C CYS B 169 14.35 2.58 -12.59
N GLN B 170 14.93 2.20 -13.72
CA GLN B 170 14.81 2.96 -14.95
C GLN B 170 14.57 2.03 -16.13
N VAL B 171 13.91 2.57 -17.15
CA VAL B 171 13.78 1.90 -18.44
C VAL B 171 14.22 2.89 -19.51
N THR B 172 15.16 2.49 -20.35
CA THR B 172 15.61 3.30 -21.46
C THR B 172 15.37 2.56 -22.76
N ALA B 173 15.33 3.32 -23.86
CA ALA B 173 15.24 2.75 -25.19
C ALA B 173 16.34 3.35 -26.05
N VAL B 174 16.97 2.53 -26.90
CA VAL B 174 18.09 2.96 -27.71
C VAL B 174 17.82 2.66 -29.17
N ASP B 175 18.49 3.41 -30.04
CA ASP B 175 18.51 3.15 -31.47
C ASP B 175 19.75 2.32 -31.81
N VAL B 176 20.01 2.13 -33.11
CA VAL B 176 21.13 1.27 -33.51
C VAL B 176 22.48 1.89 -33.16
N HIS B 177 22.55 3.20 -32.97
CA HIS B 177 23.79 3.88 -32.59
C HIS B 177 24.01 3.93 -31.09
N GLY B 178 23.08 3.41 -30.29
CA GLY B 178 23.20 3.51 -28.85
C GLY B 178 22.68 4.81 -28.29
N LYS B 179 22.10 5.69 -29.10
CA LYS B 179 21.54 6.92 -28.60
C LYS B 179 20.27 6.65 -27.80
N GLU B 180 20.16 7.31 -26.66
CA GLU B 180 18.99 7.16 -25.80
C GLU B 180 17.82 7.92 -26.39
N ILE B 181 16.78 7.20 -26.78
CA ILE B 181 15.58 7.79 -27.34
C ILE B 181 14.56 8.09 -26.24
N MET B 182 14.56 7.30 -25.18
CA MET B 182 13.57 7.47 -24.15
C MET B 182 14.17 7.02 -22.83
N ARG B 183 13.71 7.65 -21.75
CA ARG B 183 14.07 7.26 -20.39
C ARG B 183 12.85 7.47 -19.51
N MET B 184 12.43 6.43 -18.80
CA MET B 184 11.50 6.57 -17.69
C MET B 184 12.23 6.18 -16.41
N ARG B 185 11.86 6.82 -15.31
CA ARG B 185 12.46 6.52 -14.00
C ARG B 185 11.32 6.17 -13.04
N PHE B 186 11.50 5.09 -12.29
CA PHE B 186 10.61 4.70 -11.21
C PHE B 186 11.34 4.91 -9.91
N LYS B 187 10.79 5.72 -9.02
CA LYS B 187 11.50 6.10 -7.80
C LYS B 187 11.21 5.12 -6.67
N LYS B 188 11.65 3.88 -6.90
CA LYS B 188 11.51 2.78 -5.95
C LYS B 188 12.71 1.85 -6.13
N GLY B 189 13.16 1.23 -5.04
CA GLY B 189 14.20 0.23 -5.13
C GLY B 189 13.61 -1.17 -5.26
N ALA B 190 14.32 -2.07 -5.94
CA ALA B 190 13.74 -3.38 -6.23
C ALA B 190 14.83 -4.40 -6.51
N VAL B 191 14.40 -5.66 -6.65
CA VAL B 191 15.25 -6.76 -7.07
C VAL B 191 14.59 -7.45 -8.26
N LEU B 192 15.39 -8.26 -8.95
CA LEU B 192 14.90 -9.07 -10.06
C LEU B 192 14.63 -10.49 -9.59
N PRO B 193 13.73 -11.23 -10.25
CA PRO B 193 13.52 -12.64 -9.90
C PRO B 193 14.71 -13.48 -10.29
N ILE B 194 14.88 -14.58 -9.57
CA ILE B 194 15.87 -15.62 -9.88
C ILE B 194 15.12 -16.86 -10.36
N PRO B 195 15.32 -17.30 -11.62
CA PRO B 195 14.62 -18.45 -12.24
C PRO B 195 14.85 -19.80 -11.55
N MET C 2 -7.72 12.02 32.73
CA MET C 2 -6.87 12.00 31.55
C MET C 2 -5.65 11.12 31.73
N ALA C 3 -5.34 10.30 30.73
CA ALA C 3 -4.16 9.43 30.81
C ALA C 3 -2.90 10.27 30.82
N MET C 4 -2.09 10.09 31.85
CA MET C 4 -0.84 10.82 32.04
C MET C 4 0.35 9.92 31.82
N PHE C 5 1.42 10.51 31.30
CA PHE C 5 2.69 9.84 31.07
C PHE C 5 3.82 10.72 31.59
N TYR C 6 4.66 10.15 32.44
CA TYR C 6 5.79 10.86 33.03
C TYR C 6 7.06 10.12 32.66
N ALA C 7 8.05 10.87 32.18
CA ALA C 7 9.31 10.30 31.76
C ALA C 7 10.22 10.16 32.97
N HIS C 8 10.73 8.94 33.19
CA HIS C 8 11.68 8.69 34.27
C HIS C 8 12.93 9.56 34.12
N ALA C 9 13.35 9.80 32.87
CA ALA C 9 14.53 10.62 32.62
C ALA C 9 14.32 12.06 33.07
N LEU C 10 13.07 12.51 33.19
CA LEU C 10 12.74 13.83 33.70
C LEU C 10 12.24 13.76 35.14
N GLY C 11 12.66 12.72 35.87
CA GLY C 11 12.31 12.59 37.27
C GLY C 11 10.86 12.21 37.51
N GLY C 12 10.22 11.56 36.56
CA GLY C 12 8.80 11.33 36.70
C GLY C 12 8.39 10.03 37.34
N TYR C 13 9.31 9.25 37.92
CA TYR C 13 8.93 7.97 38.49
C TYR C 13 7.98 8.17 39.66
N ASP C 14 6.90 7.39 39.68
CA ASP C 14 5.92 7.39 40.77
C ASP C 14 5.57 5.95 41.06
N GLU C 15 5.88 5.49 42.28
CA GLU C 15 5.63 4.11 42.65
C GLU C 15 4.15 3.75 42.61
N ASN C 16 3.25 4.72 42.65
CA ASN C 16 1.83 4.41 42.63
C ASN C 16 1.31 4.15 41.22
N LEU C 17 2.08 4.47 40.19
CA LEU C 17 1.64 4.36 38.81
C LEU C 17 2.24 3.10 38.17
N HIS C 18 1.71 2.74 37.00
CA HIS C 18 2.31 1.63 36.27
C HIS C 18 3.74 1.99 35.86
N ALA C 19 4.64 1.03 35.95
CA ALA C 19 6.05 1.26 35.71
C ALA C 19 6.52 0.44 34.51
N PHE C 20 7.06 1.13 33.52
CA PHE C 20 7.67 0.53 32.34
C PHE C 20 9.01 1.21 32.18
N PRO C 21 9.90 0.67 31.33
CA PRO C 21 11.18 1.36 31.09
C PRO C 21 10.97 2.80 30.65
N GLY C 22 11.46 3.74 31.45
CA GLY C 22 11.40 5.16 31.13
C GLY C 22 10.05 5.81 31.31
N ILE C 23 9.04 5.08 31.77
CA ILE C 23 7.67 5.59 31.82
C ILE C 23 7.01 5.22 33.14
N SER C 24 6.40 6.20 33.78
CA SER C 24 5.37 5.98 34.79
C SER C 24 4.06 6.53 34.24
N SER C 25 3.02 5.71 34.26
CA SER C 25 1.78 6.06 33.57
C SER C 25 0.57 5.73 34.42
N THR C 26 -0.51 6.47 34.20
CA THR C 26 -1.76 6.16 34.86
C THR C 26 -2.53 5.05 34.18
N VAL C 27 -2.12 4.65 32.98
CA VAL C 27 -2.72 3.55 32.23
C VAL C 27 -1.61 2.59 31.82
N ALA C 28 -2.02 1.38 31.47
CA ALA C 28 -1.09 0.34 31.03
C ALA C 28 -1.44 -0.09 29.61
N ASN C 29 -0.73 0.47 28.62
CA ASN C 29 -0.98 0.15 27.22
C ASN C 29 -0.13 -1.06 26.83
N ASP C 30 -0.78 -2.07 26.24
CA ASP C 30 -0.08 -3.22 25.68
C ASP C 30 0.40 -2.85 24.29
N VAL C 31 1.70 -2.53 24.17
CA VAL C 31 2.25 -2.01 22.92
C VAL C 31 2.72 -3.09 21.96
N ARG C 32 2.52 -4.37 22.29
CA ARG C 32 2.90 -5.45 21.39
C ARG C 32 2.03 -5.48 20.15
N LYS C 33 0.81 -4.96 20.22
CA LYS C 33 -0.13 -5.16 19.12
C LYS C 33 0.01 -4.16 17.97
N TYR C 34 0.77 -3.07 18.13
CA TYR C 34 0.86 -2.02 17.12
C TYR C 34 1.91 -2.36 16.06
N SER C 35 1.55 -2.22 14.80
CA SER C 35 2.50 -2.31 13.70
C SER C 35 2.84 -0.93 13.13
N VAL C 36 2.05 0.09 13.43
CA VAL C 36 2.30 1.46 12.99
C VAL C 36 1.97 2.42 14.12
N VAL C 37 2.82 3.43 14.30
CA VAL C 37 2.61 4.47 15.31
C VAL C 37 2.74 5.82 14.62
N SER C 38 2.26 6.85 15.29
CA SER C 38 2.34 8.21 14.76
C SER C 38 2.94 9.13 15.81
N VAL C 39 3.88 9.97 15.36
CA VAL C 39 4.48 11.01 16.18
C VAL C 39 4.45 12.31 15.38
N TYR C 40 3.75 13.31 15.92
CA TYR C 40 3.53 14.61 15.26
C TYR C 40 2.84 14.41 13.92
N ASN C 41 1.77 13.60 13.93
CA ASN C 41 0.96 13.33 12.75
C ASN C 41 1.75 12.67 11.62
N ASN C 42 2.87 12.03 11.94
CA ASN C 42 3.66 11.30 10.97
C ASN C 42 3.66 9.84 11.40
N LYS C 43 3.50 8.94 10.43
CA LYS C 43 3.39 7.51 10.71
C LYS C 43 4.74 6.84 10.53
N TYR C 44 5.05 5.90 11.42
CA TYR C 44 6.29 5.14 11.38
C TYR C 44 5.98 3.66 11.56
N ASP C 45 6.78 2.80 10.90
CA ASP C 45 6.58 1.36 10.94
C ASP C 45 7.31 0.72 12.11
N ILE C 46 6.61 -0.15 12.84
CA ILE C 46 7.24 -0.95 13.88
C ILE C 46 8.08 -2.05 13.23
N VAL C 47 9.32 -2.21 13.71
CA VAL C 47 10.21 -3.22 13.14
C VAL C 47 9.71 -4.61 13.52
N LYS C 48 9.74 -5.52 12.55
CA LYS C 48 9.31 -6.90 12.80
C LYS C 48 10.49 -7.72 13.26
N ASP C 49 10.32 -8.41 14.39
CA ASP C 49 11.22 -9.48 14.82
C ASP C 49 12.58 -9.01 15.30
N LYS C 50 12.71 -7.72 15.61
CA LYS C 50 13.90 -7.21 16.30
C LYS C 50 13.41 -6.12 17.22
N TYR C 51 13.99 -6.05 18.41
CA TYR C 51 13.45 -5.25 19.49
C TYR C 51 14.58 -4.43 20.11
N MET C 52 14.24 -3.63 21.12
CA MET C 52 15.23 -2.82 21.83
C MET C 52 15.14 -3.13 23.32
N TRP C 53 16.26 -3.52 23.90
CA TRP C 53 16.30 -3.75 25.35
C TRP C 53 16.46 -2.41 26.06
N CYS C 54 15.42 -1.96 26.75
CA CYS C 54 15.45 -0.67 27.41
C CYS C 54 15.31 -0.85 28.92
N TYR C 55 15.92 0.06 29.66
CA TYR C 55 15.86 0.00 31.11
C TYR C 55 16.04 1.39 31.69
N SER C 56 15.39 1.61 32.83
CA SER C 56 15.67 2.76 33.66
C SER C 56 15.90 2.28 35.09
N GLN C 57 16.67 3.06 35.84
CA GLN C 57 17.02 2.76 37.22
C GLN C 57 16.59 3.94 38.08
N VAL C 58 15.55 3.73 38.88
CA VAL C 58 14.93 4.79 39.68
C VAL C 58 14.64 4.21 41.05
N ASN C 59 15.02 4.94 42.10
CA ASN C 59 14.73 4.54 43.48
C ASN C 59 15.25 3.12 43.75
N LYS C 60 16.50 2.86 43.38
CA LYS C 60 17.16 1.57 43.59
C LYS C 60 16.37 0.41 42.97
N ARG C 61 15.57 0.68 41.96
CA ARG C 61 14.73 -0.30 41.29
C ARG C 61 15.06 -0.29 39.80
N TYR C 62 15.34 -1.47 39.25
CA TYR C 62 15.65 -1.65 37.83
C TYR C 62 14.40 -2.13 37.10
N ILE C 63 14.10 -1.49 35.97
CA ILE C 63 12.92 -1.79 35.17
C ILE C 63 13.38 -1.95 33.73
N GLY C 64 13.45 -3.18 33.25
CA GLY C 64 13.91 -3.45 31.90
C GLY C 64 12.93 -4.32 31.15
N ALA C 65 12.95 -4.21 29.83
CA ALA C 65 12.08 -5.04 29.00
C ALA C 65 12.52 -4.95 27.54
N LEU C 66 12.21 -6.00 26.79
CA LEU C 66 12.32 -5.97 25.34
C LEU C 66 11.11 -5.22 24.78
N LEU C 67 11.36 -4.12 24.07
CA LEU C 67 10.32 -3.25 23.58
C LEU C 67 10.28 -3.23 22.06
N PRO C 68 9.09 -3.06 21.46
CA PRO C 68 9.02 -2.77 20.03
C PRO C 68 9.76 -1.47 19.74
N MET C 69 10.20 -1.32 18.50
CA MET C 69 10.84 -0.09 18.08
C MET C 69 10.41 0.25 16.65
N PHE C 70 10.46 1.55 16.33
CA PHE C 70 10.08 2.00 14.99
C PHE C 70 11.19 2.87 14.42
N GLU C 71 11.32 2.84 13.09
CA GLU C 71 12.36 3.61 12.42
C GLU C 71 11.81 5.00 12.08
N CYS C 72 12.58 6.03 12.44
CA CYS C 72 12.19 7.42 12.24
C CYS C 72 13.45 8.22 11.97
N ASN C 73 13.51 8.90 10.82
CA ASN C 73 14.66 9.72 10.49
C ASN C 73 14.61 11.11 11.11
N GLU C 74 13.42 11.57 11.50
CA GLU C 74 13.28 12.86 12.17
C GLU C 74 13.70 12.74 13.63
N TYR C 75 14.04 13.90 14.20
CA TYR C 75 14.40 14.00 15.61
C TYR C 75 13.14 14.12 16.45
N LEU C 76 12.99 13.20 17.40
CA LEU C 76 11.88 13.18 18.34
C LEU C 76 12.44 13.39 19.73
N GLN C 77 11.74 14.16 20.55
CA GLN C 77 12.27 14.56 21.85
C GLN C 77 11.69 13.67 22.96
N ILE C 78 12.52 13.40 23.97
CA ILE C 78 12.09 12.57 25.09
C ILE C 78 10.83 13.17 25.72
N GLY C 79 9.82 12.31 25.94
CA GLY C 79 8.58 12.73 26.57
C GLY C 79 7.48 13.13 25.62
N ASP C 80 7.79 13.35 24.34
CA ASP C 80 6.78 13.70 23.36
C ASP C 80 5.83 12.53 23.12
N PRO C 81 4.54 12.80 22.93
CA PRO C 81 3.56 11.72 22.79
C PRO C 81 3.73 10.87 21.54
N ILE C 82 3.53 9.56 21.72
CA ILE C 82 3.41 8.59 20.63
C ILE C 82 1.95 8.17 20.55
N HIS C 83 1.38 8.22 19.35
CA HIS C 83 -0.03 7.91 19.15
C HIS C 83 -0.18 6.64 18.33
N ASP C 84 -1.39 6.06 18.37
CA ASP C 84 -1.75 5.03 17.41
C ASP C 84 -2.34 5.71 16.18
N GLN C 85 -2.86 4.92 15.24
CA GLN C 85 -3.44 5.50 14.04
C GLN C 85 -4.80 6.14 14.27
N GLU C 86 -5.31 6.13 15.50
CA GLU C 86 -6.59 6.77 15.81
C GLU C 86 -6.44 7.97 16.75
N GLY C 87 -5.22 8.46 16.96
CA GLY C 87 -5.06 9.63 17.80
C GLY C 87 -5.00 9.36 19.29
N ASN C 88 -5.00 8.09 19.71
CA ASN C 88 -4.89 7.77 21.12
C ASN C 88 -3.43 7.86 21.52
N GLN C 89 -3.15 8.52 22.64
CA GLN C 89 -1.78 8.45 23.14
C GLN C 89 -1.57 7.08 23.76
N ILE C 90 -0.50 6.42 23.34
CA ILE C 90 -0.19 5.07 23.83
C ILE C 90 1.14 5.01 24.54
N SER C 91 1.97 6.05 24.43
CA SER C 91 3.32 6.01 24.98
C SER C 91 3.89 7.42 24.84
N ILE C 92 5.16 7.55 25.24
CA ILE C 92 5.94 8.77 25.02
C ILE C 92 7.30 8.32 24.51
N ILE C 93 7.98 9.23 23.82
CA ILE C 93 9.35 8.95 23.38
C ILE C 93 10.21 8.74 24.61
N THR C 94 11.02 7.67 24.59
CA THR C 94 11.96 7.40 25.67
C THR C 94 13.36 7.16 25.14
N TYR C 95 13.61 5.96 24.61
CA TYR C 95 14.95 5.51 24.24
C TYR C 95 15.09 5.45 22.71
N ARG C 96 16.35 5.48 22.27
CA ARG C 96 16.70 5.56 20.87
C ARG C 96 17.95 4.74 20.58
N HIS C 97 18.02 4.17 19.38
CA HIS C 97 19.24 3.55 18.85
C HIS C 97 19.35 4.03 17.42
N LYS C 98 20.19 5.06 17.20
CA LYS C 98 20.26 5.73 15.90
C LYS C 98 18.87 6.10 15.40
N ASN C 99 18.46 5.54 14.26
CA ASN C 99 17.16 5.84 13.68
C ASN C 99 16.04 4.92 14.16
N TYR C 100 16.26 4.17 15.24
CA TYR C 100 15.20 3.37 15.85
C TYR C 100 14.81 3.96 17.19
N TYR C 101 13.51 4.06 17.44
CA TYR C 101 12.97 4.56 18.72
C TYR C 101 12.14 3.48 19.39
N ALA C 102 12.35 3.31 20.70
CA ALA C 102 11.58 2.36 21.49
C ALA C 102 10.14 2.82 21.69
N LEU C 103 9.23 1.86 21.74
CA LEU C 103 7.84 2.08 22.08
C LEU C 103 7.59 1.42 23.44
N SER C 104 7.59 2.22 24.50
CA SER C 104 7.56 1.68 25.85
C SER C 104 6.14 1.56 26.40
N GLY C 105 5.93 0.49 27.16
CA GLY C 105 4.63 0.12 27.69
C GLY C 105 4.72 -1.33 28.14
N ILE C 106 3.57 -1.98 28.24
CA ILE C 106 3.60 -3.44 28.44
C ILE C 106 4.14 -4.03 27.14
N GLY C 107 5.37 -4.53 27.19
CA GLY C 107 6.00 -5.02 25.98
C GLY C 107 6.24 -6.51 26.08
N TYR C 108 7.44 -6.95 25.69
CA TYR C 108 7.80 -8.36 25.69
C TYR C 108 8.57 -8.73 26.95
N GLU C 109 9.48 -9.68 26.84
CA GLU C 109 10.16 -10.22 28.02
C GLU C 109 10.81 -9.11 28.83
N SER C 110 10.71 -9.21 30.16
CA SER C 110 11.13 -8.12 31.01
C SER C 110 11.94 -8.66 32.19
N LEU C 111 12.68 -7.73 32.80
CA LEU C 111 13.49 -8.00 33.99
C LEU C 111 13.33 -6.83 34.95
N ASP C 112 12.94 -7.13 36.19
CA ASP C 112 12.86 -6.13 37.26
C ASP C 112 13.73 -6.61 38.41
N LEU C 113 14.51 -5.69 38.99
CA LEU C 113 15.47 -6.05 40.02
C LEU C 113 15.43 -5.05 41.16
N CYS C 114 15.84 -5.52 42.34
CA CYS C 114 16.15 -4.65 43.46
C CYS C 114 17.64 -4.37 43.42
N LEU C 115 18.02 -3.12 43.19
CA LEU C 115 19.41 -2.77 42.90
C LEU C 115 20.26 -2.54 44.14
N GLU C 116 19.69 -2.49 45.33
CA GLU C 116 20.49 -2.22 46.52
C GLU C 116 21.49 -3.33 46.73
N GLY C 117 22.78 -2.97 46.76
CA GLY C 117 23.85 -3.89 47.07
C GLY C 117 24.35 -4.75 45.92
N VAL C 118 23.56 -4.95 44.87
CA VAL C 118 23.98 -5.75 43.73
C VAL C 118 24.20 -4.85 42.53
N GLY C 119 25.07 -5.28 41.62
CA GLY C 119 25.30 -4.55 40.38
C GLY C 119 24.74 -5.20 39.14
N ILE C 120 24.60 -4.43 38.06
CA ILE C 120 24.10 -4.94 36.79
C ILE C 120 24.89 -4.32 35.65
N HIS C 121 25.19 -5.14 34.64
CA HIS C 121 26.02 -4.74 33.51
C HIS C 121 25.42 -5.26 32.23
N HIS C 122 25.54 -4.48 31.16
CA HIS C 122 24.93 -4.77 29.89
C HIS C 122 26.01 -4.96 28.82
N HIS C 123 25.81 -5.97 27.97
CA HIS C 123 26.78 -6.36 26.95
C HIS C 123 26.06 -6.59 25.63
N VAL C 124 26.77 -6.30 24.53
CA VAL C 124 26.35 -6.78 23.22
C VAL C 124 26.87 -8.21 23.04
N LEU C 125 25.96 -9.16 22.85
CA LEU C 125 26.32 -10.56 22.67
C LEU C 125 26.73 -10.78 21.21
N GLU C 126 27.99 -11.09 20.98
CA GLU C 126 28.50 -11.31 19.64
C GLU C 126 27.87 -12.55 19.00
N THR C 127 27.53 -12.46 17.72
CA THR C 127 26.87 -13.56 17.03
C THR C 127 27.74 -14.80 17.06
N GLY C 128 27.13 -15.93 17.44
CA GLY C 128 27.85 -17.17 17.56
C GLY C 128 28.44 -17.46 18.92
N ASN C 129 28.41 -16.50 19.84
CA ASN C 129 28.96 -16.74 21.18
C ASN C 129 27.94 -17.37 22.10
N ALA C 130 28.44 -18.18 23.04
CA ALA C 130 27.67 -18.67 24.18
C ALA C 130 28.05 -17.86 25.41
N VAL C 131 27.22 -17.97 26.45
CA VAL C 131 27.37 -17.17 27.66
C VAL C 131 27.49 -18.11 28.86
N TYR C 132 28.46 -17.83 29.73
CA TYR C 132 28.47 -18.36 31.09
C TYR C 132 28.80 -17.22 32.03
N GLY C 133 27.92 -17.02 33.02
CA GLY C 133 28.18 -16.04 34.05
C GLY C 133 28.44 -14.63 33.55
N LYS C 134 29.67 -14.16 33.72
CA LYS C 134 30.05 -12.81 33.32
C LYS C 134 30.91 -12.77 32.07
N VAL C 135 31.01 -13.88 31.34
CA VAL C 135 31.86 -13.96 30.16
C VAL C 135 31.07 -14.55 28.99
N GLN C 136 31.55 -14.26 27.78
CA GLN C 136 30.99 -14.80 26.55
C GLN C 136 32.12 -15.26 25.64
N HIS C 137 31.93 -16.42 25.01
CA HIS C 137 32.93 -17.00 24.12
C HIS C 137 32.27 -18.06 23.26
N ASP C 138 33.08 -18.72 22.44
CA ASP C 138 32.58 -19.83 21.64
C ASP C 138 32.14 -20.99 22.54
N TYR C 139 31.29 -21.84 21.98
CA TYR C 139 30.69 -22.93 22.76
C TYR C 139 31.73 -23.77 23.48
N SER C 140 32.82 -24.13 22.78
CA SER C 140 33.79 -25.05 23.38
C SER C 140 34.43 -24.45 24.63
N THR C 141 34.78 -23.17 24.58
CA THR C 141 35.35 -22.53 25.75
C THR C 141 34.33 -22.42 26.88
N ILE C 142 33.09 -22.03 26.54
CA ILE C 142 32.08 -21.82 27.57
C ILE C 142 31.74 -23.13 28.27
N LYS C 143 31.58 -24.21 27.50
CA LYS C 143 31.28 -25.49 28.10
C LYS C 143 32.40 -25.94 29.04
N GLU C 144 33.65 -25.73 28.63
CA GLU C 144 34.76 -26.11 29.50
C GLU C 144 34.73 -25.31 30.79
N LYS C 145 34.46 -24.01 30.70
CA LYS C 145 34.39 -23.16 31.89
C LYS C 145 33.26 -23.60 32.82
N ALA C 146 32.09 -23.90 32.25
CA ALA C 146 30.93 -24.25 33.06
C ALA C 146 31.19 -25.46 33.92
N LYS C 147 31.83 -26.49 33.35
CA LYS C 147 32.13 -27.70 34.12
C LYS C 147 33.18 -27.44 35.19
N GLU C 148 34.17 -26.58 34.90
CA GLU C 148 35.15 -26.22 35.92
C GLU C 148 34.47 -25.65 37.14
N MET C 149 33.53 -24.72 36.93
CA MET C 149 32.79 -24.11 38.02
C MET C 149 31.80 -25.06 38.67
N ASN C 150 31.57 -26.24 38.08
CA ASN C 150 30.62 -27.19 38.67
C ASN C 150 31.11 -27.70 40.02
N ALA C 151 32.42 -27.80 40.22
CA ALA C 151 32.95 -28.28 41.49
C ALA C 151 32.75 -27.26 42.60
N LEU C 152 32.76 -25.97 42.26
CA LEU C 152 32.65 -24.92 43.27
C LEU C 152 31.24 -24.85 43.85
N SER C 153 31.17 -24.51 45.14
CA SER C 153 29.88 -24.28 45.78
C SER C 153 29.34 -22.91 45.40
N PRO C 154 28.05 -22.78 45.13
CA PRO C 154 27.51 -21.48 44.73
C PRO C 154 27.46 -20.50 45.89
N GLY C 155 27.83 -19.26 45.60
CA GLY C 155 27.73 -18.19 46.58
C GLY C 155 26.59 -17.26 46.27
N PRO C 156 26.43 -16.21 47.09
CA PRO C 156 25.34 -15.26 46.86
C PRO C 156 25.54 -14.48 45.58
N ILE C 157 24.43 -14.11 44.95
CA ILE C 157 24.49 -13.28 43.75
C ILE C 157 25.04 -11.91 44.13
N ILE C 158 26.01 -11.41 43.35
CA ILE C 158 26.51 -10.06 43.52
C ILE C 158 26.37 -9.22 42.25
N ASP C 159 26.21 -9.80 41.08
CA ASP C 159 26.14 -9.04 39.84
C ASP C 159 25.22 -9.76 38.87
N TYR C 160 24.46 -8.98 38.11
CA TYR C 160 23.68 -9.47 36.98
C TYR C 160 24.30 -8.99 35.68
N HIS C 161 24.17 -9.80 34.63
CA HIS C 161 24.74 -9.49 33.33
C HIS C 161 23.69 -9.68 32.26
N VAL C 162 23.47 -8.63 31.45
CA VAL C 162 22.48 -8.63 30.39
C VAL C 162 23.20 -8.77 29.06
N TRP C 163 22.82 -9.77 28.27
CA TRP C 163 23.47 -10.13 27.02
C TRP C 163 22.45 -9.93 25.90
N ILE C 164 22.68 -8.94 25.04
CA ILE C 164 21.75 -8.58 23.97
C ILE C 164 22.37 -9.00 22.66
N GLY C 165 21.76 -9.98 21.97
CA GLY C 165 22.30 -10.51 20.73
C GLY C 165 21.33 -10.32 19.57
N ASP C 166 21.83 -10.65 18.37
CA ASP C 166 21.02 -10.43 17.16
C ASP C 166 19.83 -11.37 17.09
N CYS C 167 19.94 -12.59 17.65
CA CYS C 167 18.84 -13.55 17.63
C CYS C 167 18.40 -14.05 19.00
N ILE C 168 19.11 -13.67 20.08
CA ILE C 168 18.78 -14.16 21.41
C ILE C 168 19.27 -13.14 22.43
N CYS C 169 18.59 -13.10 23.58
CA CYS C 169 19.01 -12.31 24.72
C CYS C 169 19.05 -13.19 25.95
N GLN C 170 20.00 -12.92 26.84
CA GLN C 170 20.14 -13.68 28.07
C GLN C 170 20.44 -12.75 29.23
N VAL C 171 20.05 -13.18 30.43
CA VAL C 171 20.46 -12.52 31.67
C VAL C 171 21.05 -13.59 32.57
N THR C 172 22.26 -13.34 33.06
CA THR C 172 22.94 -14.24 33.98
C THR C 172 23.20 -13.54 35.31
N ALA C 173 23.37 -14.34 36.36
CA ALA C 173 23.74 -13.86 37.67
C ALA C 173 24.93 -14.66 38.18
N VAL C 174 25.89 -13.96 38.80
CA VAL C 174 27.14 -14.55 39.25
C VAL C 174 27.36 -14.28 40.74
N ASP C 175 28.15 -15.14 41.36
CA ASP C 175 28.63 -14.92 42.72
C ASP C 175 30.02 -14.28 42.65
N VAL C 176 30.68 -14.16 43.79
CA VAL C 176 31.97 -13.48 43.81
C VAL C 176 33.05 -14.29 43.11
N HIS C 177 32.84 -15.61 42.94
CA HIS C 177 33.78 -16.47 42.23
C HIS C 177 33.55 -16.49 40.73
N GLY C 178 32.53 -15.78 40.23
CA GLY C 178 32.18 -15.85 38.83
C GLY C 178 31.28 -17.00 38.46
N LYS C 179 30.85 -17.81 39.43
CA LYS C 179 29.97 -18.94 39.15
C LYS C 179 28.57 -18.46 38.77
N GLU C 180 28.02 -19.08 37.72
CA GLU C 180 26.69 -18.74 37.24
C GLU C 180 25.64 -19.34 38.19
N ILE C 181 24.90 -18.47 38.84
CA ILE C 181 23.86 -18.89 39.78
C ILE C 181 22.52 -19.04 39.08
N MET C 182 22.27 -18.24 38.04
CA MET C 182 20.99 -18.19 37.36
C MET C 182 21.20 -17.80 35.90
N ARG C 183 20.33 -18.32 35.04
CA ARG C 183 20.31 -17.95 33.63
C ARG C 183 18.86 -17.94 33.16
N MET C 184 18.43 -16.81 32.61
CA MET C 184 17.20 -16.75 31.85
C MET C 184 17.56 -16.45 30.41
N ARG C 185 16.78 -16.99 29.47
CA ARG C 185 17.00 -16.74 28.05
C ARG C 185 15.73 -16.16 27.47
N PHE C 186 15.87 -15.08 26.68
CA PHE C 186 14.77 -14.51 25.91
C PHE C 186 15.05 -14.81 24.44
N LYS C 187 14.12 -15.51 23.80
CA LYS C 187 14.35 -15.97 22.43
C LYS C 187 13.89 -14.94 21.42
N LYS C 188 14.56 -13.79 21.47
CA LYS C 188 14.31 -12.68 20.56
C LYS C 188 15.63 -11.95 20.35
N GLY C 189 15.82 -11.39 19.17
CA GLY C 189 16.98 -10.56 18.91
C GLY C 189 16.69 -9.09 19.15
N ALA C 190 17.72 -8.35 19.56
CA ALA C 190 17.50 -6.97 19.98
C ALA C 190 18.80 -6.19 19.88
N VAL C 191 18.66 -4.88 20.08
CA VAL C 191 19.77 -3.94 20.21
C VAL C 191 19.61 -3.21 21.53
N LEU C 192 20.71 -2.52 21.94
CA LEU C 192 20.74 -1.68 23.12
C LEU C 192 20.55 -0.21 22.74
N PRO C 193 20.04 0.62 23.65
CA PRO C 193 19.93 2.06 23.35
C PRO C 193 21.30 2.70 23.34
N ILE C 194 21.41 3.76 22.54
CA ILE C 194 22.60 4.61 22.53
C ILE C 194 22.22 5.93 23.20
N PRO C 195 22.80 6.27 24.35
CA PRO C 195 22.43 7.53 25.01
C PRO C 195 22.83 8.74 24.16
N ASN C 196 22.20 9.86 24.47
CA ASN C 196 22.59 11.16 23.91
C ASN C 196 22.12 12.29 24.82
N SER D 1 28.42 -39.81 13.88
CA SER D 1 27.79 -40.91 14.60
C SER D 1 26.28 -40.71 14.71
N MET D 2 25.66 -41.47 15.61
CA MET D 2 24.22 -41.44 15.81
C MET D 2 23.84 -40.40 16.85
N ALA D 3 22.82 -39.61 16.55
CA ALA D 3 22.32 -38.63 17.51
C ALA D 3 21.71 -39.36 18.70
N MET D 4 22.19 -39.06 19.90
CA MET D 4 21.74 -39.72 21.11
C MET D 4 20.89 -38.77 21.96
N PHE D 5 19.90 -39.34 22.63
CA PHE D 5 19.01 -38.63 23.52
C PHE D 5 18.84 -39.46 24.79
N TYR D 6 19.09 -38.84 25.95
CA TYR D 6 19.02 -39.56 27.23
C TYR D 6 18.01 -38.87 28.14
N ALA D 7 17.13 -39.66 28.75
CA ALA D 7 16.08 -39.12 29.60
C ALA D 7 16.62 -38.88 31.00
N HIS D 8 16.48 -37.65 31.50
CA HIS D 8 16.91 -37.34 32.86
C HIS D 8 16.14 -38.18 33.88
N ALA D 9 14.86 -38.44 33.61
CA ALA D 9 14.02 -39.21 34.52
C ALA D 9 14.50 -40.65 34.65
N LEU D 10 15.27 -41.14 33.69
CA LEU D 10 15.90 -42.46 33.73
C LEU D 10 17.38 -42.38 34.07
N GLY D 11 17.79 -41.31 34.76
CA GLY D 11 19.17 -41.15 35.20
C GLY D 11 20.15 -40.83 34.09
N GLY D 12 19.70 -40.26 33.00
CA GLY D 12 20.55 -40.04 31.84
C GLY D 12 21.22 -38.69 31.77
N TYR D 13 21.18 -37.86 32.82
CA TYR D 13 21.81 -36.55 32.73
C TYR D 13 23.32 -36.70 32.55
N ASP D 14 23.87 -35.92 31.62
CA ASP D 14 25.31 -35.87 31.38
C ASP D 14 25.69 -34.41 31.17
N GLU D 15 26.51 -33.89 32.08
CA GLU D 15 26.93 -32.49 32.03
C GLU D 15 27.71 -32.15 30.76
N ASN D 16 28.29 -33.16 30.10
CA ASN D 16 29.08 -32.90 28.90
C ASN D 16 28.23 -32.73 27.66
N LEU D 17 26.94 -33.07 27.73
CA LEU D 17 26.06 -33.04 26.58
C LEU D 17 25.16 -31.82 26.67
N HIS D 18 24.48 -31.51 25.56
CA HIS D 18 23.51 -30.43 25.58
C HIS D 18 22.43 -30.73 26.60
N ALA D 19 22.01 -29.71 27.33
CA ALA D 19 21.06 -29.88 28.42
C ALA D 19 19.77 -29.13 28.11
N PHE D 20 18.66 -29.87 28.08
CA PHE D 20 17.32 -29.34 27.91
C PHE D 20 16.46 -29.96 29.00
N PRO D 21 15.22 -29.46 29.20
CA PRO D 21 14.35 -30.10 30.18
C PRO D 21 14.18 -31.59 29.91
N GLY D 22 14.61 -32.44 30.83
CA GLY D 22 14.44 -33.88 30.73
C GLY D 22 15.34 -34.60 29.73
N ILE D 23 16.24 -33.88 29.06
CA ILE D 23 17.03 -34.46 27.97
C ILE D 23 18.48 -34.00 28.08
N SER D 24 19.41 -34.94 27.97
CA SER D 24 20.80 -34.66 27.61
C SER D 24 21.05 -35.28 26.25
N SER D 25 21.59 -34.49 25.31
CA SER D 25 21.69 -34.95 23.94
C SER D 25 23.04 -34.58 23.34
N THR D 26 23.48 -35.40 22.38
CA THR D 26 24.69 -35.10 21.62
C THR D 26 24.43 -34.07 20.53
N VAL D 27 23.17 -33.74 20.25
CA VAL D 27 22.83 -32.72 19.27
C VAL D 27 21.91 -31.70 19.94
N ALA D 28 21.83 -30.52 19.33
CA ALA D 28 21.00 -29.42 19.82
C ALA D 28 20.00 -29.06 18.74
N ASN D 29 18.81 -29.64 18.81
CA ASN D 29 17.75 -29.40 17.85
C ASN D 29 16.92 -28.20 18.30
N ASP D 30 16.71 -27.26 17.39
CA ASP D 30 15.83 -26.13 17.61
C ASP D 30 14.40 -26.59 17.33
N VAL D 31 13.64 -26.87 18.39
CA VAL D 31 12.31 -27.44 18.22
C VAL D 31 11.22 -26.39 18.04
N ARG D 32 11.58 -25.10 17.96
CA ARG D 32 10.57 -24.06 17.75
C ARG D 32 10.00 -24.10 16.34
N LYS D 33 10.76 -24.63 15.37
CA LYS D 33 10.37 -24.50 13.98
C LYS D 33 9.38 -25.56 13.51
N TYR D 34 9.10 -26.59 14.30
CA TYR D 34 8.25 -27.69 13.85
C TYR D 34 6.78 -27.38 14.08
N SER D 35 5.96 -27.61 13.05
CA SER D 35 4.52 -27.54 13.22
C SER D 35 3.85 -28.90 13.31
N VAL D 36 4.51 -29.97 12.86
CA VAL D 36 3.99 -31.33 12.98
C VAL D 36 5.14 -32.26 13.34
N VAL D 37 4.86 -33.24 14.21
CA VAL D 37 5.86 -34.23 14.60
C VAL D 37 5.26 -35.62 14.42
N SER D 38 6.15 -36.62 14.38
CA SER D 38 5.76 -38.01 14.17
C SER D 38 6.31 -38.87 15.31
N VAL D 39 5.45 -39.75 15.82
CA VAL D 39 5.85 -40.79 16.77
C VAL D 39 5.18 -42.10 16.34
N TYR D 40 5.99 -43.07 15.91
CA TYR D 40 5.49 -44.40 15.56
C TYR D 40 4.36 -44.38 14.52
N ASN D 41 4.67 -43.85 13.33
CA ASN D 41 3.74 -43.82 12.19
C ASN D 41 2.51 -42.96 12.41
N ASN D 42 2.50 -42.09 13.42
CA ASN D 42 1.38 -41.19 13.62
C ASN D 42 1.89 -39.75 13.64
N LYS D 43 1.16 -38.86 12.98
CA LYS D 43 1.52 -37.44 12.91
C LYS D 43 0.73 -36.68 13.96
N TYR D 44 1.35 -35.69 14.59
CA TYR D 44 0.68 -34.86 15.58
C TYR D 44 0.97 -33.39 15.35
N ASP D 45 -0.02 -32.54 15.62
CA ASP D 45 0.10 -31.09 15.42
C ASP D 45 0.63 -30.38 16.66
N ILE D 46 1.57 -29.47 16.45
CA ILE D 46 2.07 -28.60 17.52
C ILE D 46 1.05 -27.53 17.83
N VAL D 47 0.76 -27.36 19.13
CA VAL D 47 -0.24 -26.37 19.58
C VAL D 47 0.29 -24.97 19.33
N LYS D 48 -0.54 -24.13 18.71
CA LYS D 48 -0.16 -22.76 18.42
C LYS D 48 -0.43 -21.88 19.64
N ASP D 49 0.58 -21.08 20.01
CA ASP D 49 0.44 -19.99 20.97
C ASP D 49 0.15 -20.47 22.40
N LYS D 50 0.42 -21.74 22.70
CA LYS D 50 0.38 -22.21 24.07
C LYS D 50 1.45 -23.28 24.23
N TYR D 51 2.11 -23.28 25.38
CA TYR D 51 3.34 -24.03 25.56
C TYR D 51 3.26 -24.78 26.88
N MET D 52 4.32 -25.51 27.20
CA MET D 52 4.36 -26.28 28.44
C MET D 52 5.64 -25.89 29.16
N TRP D 53 5.51 -25.44 30.41
CA TRP D 53 6.70 -25.15 31.20
C TRP D 53 7.20 -26.47 31.78
N CYS D 54 8.33 -26.94 31.28
CA CYS D 54 8.90 -28.21 31.69
C CYS D 54 10.24 -27.97 32.37
N TYR D 55 10.56 -28.82 33.33
CA TYR D 55 11.81 -28.67 34.06
C TYR D 55 12.25 -30.02 34.58
N SER D 56 13.57 -30.19 34.68
CA SER D 56 14.17 -31.29 35.39
C SER D 56 15.16 -30.73 36.40
N GLN D 57 15.39 -31.50 37.46
CA GLN D 57 16.33 -31.13 38.51
C GLN D 57 17.32 -32.28 38.64
N VAL D 58 18.54 -32.06 38.19
CA VAL D 58 19.56 -33.10 38.13
C VAL D 58 20.86 -32.50 38.63
N ASN D 59 21.53 -33.19 39.54
CA ASN D 59 22.82 -32.75 40.07
C ASN D 59 22.74 -31.33 40.58
N LYS D 60 21.69 -31.07 41.38
CA LYS D 60 21.45 -29.77 42.03
C LYS D 60 21.42 -28.63 41.02
N ARG D 61 21.05 -28.95 39.78
CA ARG D 61 20.97 -28.02 38.68
C ARG D 61 19.54 -28.04 38.13
N TYR D 62 18.94 -26.85 38.00
CA TYR D 62 17.59 -26.70 37.50
C TYR D 62 17.66 -26.31 36.02
N ILE D 63 16.90 -27.03 35.19
CA ILE D 63 16.86 -26.81 33.74
C ILE D 63 15.38 -26.71 33.37
N GLY D 64 14.91 -25.49 33.12
CA GLY D 64 13.52 -25.26 32.80
C GLY D 64 13.41 -24.45 31.52
N ALA D 65 12.27 -24.64 30.83
CA ALA D 65 12.02 -23.90 29.60
C ALA D 65 10.56 -24.06 29.19
N LEU D 66 10.09 -23.08 28.43
CA LEU D 66 8.81 -23.17 27.73
C LEU D 66 9.00 -23.99 26.46
N LEU D 67 8.26 -25.10 26.35
CA LEU D 67 8.48 -25.97 25.22
C LEU D 67 7.25 -26.02 24.32
N PRO D 68 7.45 -26.24 23.03
CA PRO D 68 6.30 -26.60 22.18
C PRO D 68 5.66 -27.88 22.73
N MET D 69 4.38 -28.05 22.44
CA MET D 69 3.69 -29.27 22.84
C MET D 69 2.72 -29.67 21.74
N PHE D 70 2.42 -30.97 21.67
CA PHE D 70 1.51 -31.50 20.67
C PHE D 70 0.41 -32.34 21.33
N GLU D 71 -0.74 -32.38 20.67
CA GLU D 71 -1.86 -33.14 21.19
C GLU D 71 -1.78 -34.56 20.66
N CYS D 72 -1.93 -35.53 21.56
CA CYS D 72 -1.89 -36.95 21.20
C CYS D 72 -2.82 -37.71 22.13
N ASN D 73 -3.77 -38.44 21.55
CA ASN D 73 -4.70 -39.25 22.35
C ASN D 73 -4.15 -40.62 22.70
N GLU D 74 -3.16 -41.12 21.97
CA GLU D 74 -2.57 -42.39 22.35
C GLU D 74 -1.63 -42.19 23.53
N TYR D 75 -1.37 -43.28 24.23
CA TYR D 75 -0.39 -43.28 25.31
C TYR D 75 1.01 -43.44 24.73
N LEU D 76 1.88 -42.49 25.05
CA LEU D 76 3.29 -42.53 24.67
C LEU D 76 4.16 -42.63 25.91
N GLN D 77 5.25 -43.40 25.79
CA GLN D 77 6.10 -43.74 26.91
C GLN D 77 7.33 -42.83 26.92
N ILE D 78 7.79 -42.47 28.13
CA ILE D 78 8.97 -41.62 28.26
C ILE D 78 10.15 -42.27 27.56
N GLY D 79 10.87 -41.49 26.77
CA GLY D 79 12.01 -42.01 26.05
C GLY D 79 11.71 -42.43 24.63
N ASP D 80 10.43 -42.50 24.26
CA ASP D 80 10.08 -42.84 22.88
C ASP D 80 10.59 -41.78 21.91
N PRO D 81 11.14 -42.17 20.77
CA PRO D 81 11.67 -41.18 19.83
C PRO D 81 10.56 -40.32 19.21
N ILE D 82 10.86 -39.03 19.05
CA ILE D 82 10.01 -38.10 18.31
C ILE D 82 10.73 -37.75 17.02
N HIS D 83 10.02 -37.84 15.89
CA HIS D 83 10.61 -37.63 14.58
C HIS D 83 10.05 -36.39 13.89
N ASP D 84 10.82 -35.87 12.93
CA ASP D 84 10.32 -34.86 12.01
C ASP D 84 9.68 -35.56 10.81
N GLN D 85 9.39 -34.80 9.76
CA GLN D 85 8.73 -35.36 8.59
C GLN D 85 9.67 -36.02 7.61
N GLU D 86 10.96 -36.05 7.90
CA GLU D 86 11.93 -36.73 7.04
C GLU D 86 12.51 -37.97 7.70
N GLY D 87 11.93 -38.42 8.81
CA GLY D 87 12.41 -39.61 9.49
C GLY D 87 13.56 -39.38 10.43
N ASN D 88 13.97 -38.13 10.63
CA ASN D 88 15.04 -37.82 11.57
C ASN D 88 14.48 -37.72 12.98
N GLN D 89 15.16 -38.34 13.94
CA GLN D 89 14.79 -38.15 15.34
C GLN D 89 15.22 -36.77 15.81
N ILE D 90 14.31 -36.04 16.44
CA ILE D 90 14.61 -34.69 16.92
C ILE D 90 14.47 -34.55 18.43
N SER D 91 13.86 -35.51 19.12
CA SER D 91 13.60 -35.43 20.56
C SER D 91 13.14 -36.80 21.04
N ILE D 92 12.79 -36.87 22.33
CA ILE D 92 12.19 -38.05 22.94
C ILE D 92 11.01 -37.58 23.79
N ILE D 93 10.08 -38.50 24.04
CA ILE D 93 8.96 -38.18 24.92
C ILE D 93 9.50 -37.86 26.30
N THR D 94 9.08 -36.73 26.86
CA THR D 94 9.53 -36.37 28.21
C THR D 94 8.33 -36.09 29.12
N TYR D 95 7.69 -34.93 28.98
CA TYR D 95 6.66 -34.47 29.90
C TYR D 95 5.29 -34.52 29.23
N ARG D 96 4.25 -34.58 30.07
CA ARG D 96 2.88 -34.72 29.59
C ARG D 96 1.93 -33.89 30.43
N HIS D 97 0.88 -33.38 29.79
CA HIS D 97 -0.24 -32.73 30.47
C HIS D 97 -1.52 -33.23 29.81
N LYS D 98 -2.20 -34.17 30.46
CA LYS D 98 -3.35 -34.83 29.84
C LYS D 98 -2.99 -35.30 28.44
N ASN D 99 -3.66 -34.76 27.42
CA ASN D 99 -3.42 -35.13 26.03
C ASN D 99 -2.36 -34.26 25.33
N TYR D 100 -1.57 -33.49 26.07
CA TYR D 100 -0.48 -32.70 25.48
C TYR D 100 0.87 -33.27 25.92
N TYR D 101 1.78 -33.37 24.96
CA TYR D 101 3.14 -33.84 25.21
C TYR D 101 4.16 -32.77 24.81
N ALA D 102 5.13 -32.54 25.68
CA ALA D 102 6.16 -31.56 25.39
C ALA D 102 7.12 -32.05 24.32
N LEU D 103 7.64 -31.10 23.55
CA LEU D 103 8.69 -31.34 22.58
C LEU D 103 9.94 -30.65 23.11
N SER D 104 10.85 -31.41 23.70
CA SER D 104 12.00 -30.83 24.39
C SER D 104 13.21 -30.72 23.48
N GLY D 105 13.95 -29.63 23.66
CA GLY D 105 15.07 -29.24 22.84
C GLY D 105 15.37 -27.77 23.10
N ILE D 106 16.02 -27.13 22.13
CA ILE D 106 16.14 -25.67 22.17
C ILE D 106 14.75 -25.11 21.89
N GLY D 107 14.13 -24.55 22.93
CA GLY D 107 12.75 -24.09 22.81
C GLY D 107 12.64 -22.59 23.00
N TYR D 108 11.66 -22.15 23.78
CA TYR D 108 11.43 -20.72 24.00
C TYR D 108 12.09 -20.28 25.30
N GLU D 109 11.47 -19.31 26.01
CA GLU D 109 12.10 -18.71 27.18
C GLU D 109 12.47 -19.78 28.21
N SER D 110 13.64 -19.62 28.82
CA SER D 110 14.20 -20.66 29.67
C SER D 110 14.70 -20.08 30.98
N LEU D 111 14.84 -20.96 31.97
CA LEU D 111 15.37 -20.63 33.28
C LEU D 111 16.30 -21.74 33.74
N ASP D 112 17.53 -21.39 34.11
CA ASP D 112 18.50 -22.35 34.65
C ASP D 112 18.97 -21.84 36.01
N LEU D 113 19.07 -22.74 36.99
CA LEU D 113 19.39 -22.35 38.35
C LEU D 113 20.36 -23.33 38.98
N CYS D 114 21.08 -22.82 39.98
CA CYS D 114 21.86 -23.63 40.92
C CYS D 114 20.99 -23.85 42.15
N LEU D 115 20.62 -25.11 42.41
CA LEU D 115 19.62 -25.41 43.43
C LEU D 115 20.18 -25.48 44.84
N GLU D 116 21.49 -25.48 45.01
CA GLU D 116 22.07 -25.54 46.34
C GLU D 116 21.70 -24.28 47.13
N GLY D 117 21.08 -24.46 48.29
CA GLY D 117 20.77 -23.35 49.18
C GLY D 117 19.49 -22.58 48.89
N VAL D 118 18.95 -22.63 47.68
CA VAL D 118 17.68 -21.98 47.38
C VAL D 118 16.66 -23.06 47.03
N GLY D 119 15.39 -22.74 47.26
CA GLY D 119 14.30 -23.60 46.83
C GLY D 119 13.54 -23.01 45.67
N ILE D 120 12.75 -23.82 44.97
CA ILE D 120 11.95 -23.33 43.84
C ILE D 120 10.57 -23.97 43.90
N HIS D 121 9.54 -23.18 43.60
CA HIS D 121 8.18 -23.64 43.71
C HIS D 121 7.40 -23.19 42.48
N HIS D 122 6.45 -24.03 42.06
CA HIS D 122 5.70 -23.80 40.85
C HIS D 122 4.23 -23.59 41.20
N HIS D 123 3.61 -22.63 40.54
CA HIS D 123 2.23 -22.25 40.82
C HIS D 123 1.50 -22.04 39.51
N VAL D 124 0.22 -22.41 39.48
CA VAL D 124 -0.64 -21.98 38.38
C VAL D 124 -1.12 -20.57 38.68
N LEU D 125 -0.81 -19.63 37.80
CA LEU D 125 -1.22 -18.24 37.96
C LEU D 125 -2.67 -18.10 37.51
N GLU D 126 -3.55 -17.76 38.44
CA GLU D 126 -4.96 -17.58 38.11
C GLU D 126 -5.14 -16.40 37.17
N THR D 127 -6.02 -16.55 36.18
CA THR D 127 -6.22 -15.49 35.20
C THR D 127 -6.68 -14.21 35.88
N GLY D 128 -6.04 -13.09 35.50
CA GLY D 128 -6.39 -11.82 36.08
C GLY D 128 -5.62 -11.47 37.34
N ASN D 129 -4.84 -12.40 37.89
CA ASN D 129 -4.06 -12.09 39.06
C ASN D 129 -2.72 -11.47 38.67
N ALA D 130 -2.21 -10.60 39.55
CA ALA D 130 -0.85 -10.08 39.46
C ALA D 130 0.02 -10.78 40.50
N VAL D 131 1.33 -10.65 40.33
CA VAL D 131 2.30 -11.38 41.13
C VAL D 131 3.23 -10.40 41.83
N TYR D 132 3.45 -10.61 43.13
CA TYR D 132 4.58 -10.02 43.85
C TYR D 132 5.18 -11.09 44.75
N GLY D 133 6.48 -11.32 44.58
CA GLY D 133 7.21 -12.22 45.46
C GLY D 133 6.66 -13.64 45.51
N LYS D 134 6.09 -14.03 46.64
CA LYS D 134 5.59 -15.37 46.86
C LYS D 134 4.07 -15.46 46.82
N VAL D 135 3.39 -14.40 46.37
CA VAL D 135 1.92 -14.36 46.39
C VAL D 135 1.40 -13.94 45.03
N GLN D 136 0.14 -14.28 44.78
CA GLN D 136 -0.60 -13.82 43.61
C GLN D 136 -1.99 -13.36 44.05
N HIS D 137 -2.43 -12.23 43.53
CA HIS D 137 -3.74 -11.68 43.91
C HIS D 137 -4.16 -10.64 42.87
N ASP D 138 -5.28 -9.97 43.13
CA ASP D 138 -5.71 -8.90 42.24
C ASP D 138 -4.75 -7.72 42.27
N TYR D 139 -4.78 -6.92 41.20
CA TYR D 139 -3.82 -5.84 41.05
C TYR D 139 -3.79 -4.91 42.27
N SER D 140 -4.97 -4.53 42.77
CA SER D 140 -5.03 -3.55 43.85
C SER D 140 -4.32 -4.06 45.10
N THR D 141 -4.53 -5.33 45.46
CA THR D 141 -3.85 -5.90 46.61
C THR D 141 -2.36 -6.01 46.37
N ILE D 142 -1.98 -6.47 45.17
CA ILE D 142 -0.57 -6.69 44.86
C ILE D 142 0.20 -5.39 44.88
N LYS D 143 -0.39 -4.34 44.31
CA LYS D 143 0.24 -3.02 44.34
C LYS D 143 0.44 -2.54 45.77
N GLU D 144 -0.54 -2.77 46.63
CA GLU D 144 -0.43 -2.33 48.02
C GLU D 144 0.70 -3.07 48.73
N LYS D 145 0.82 -4.37 48.48
CA LYS D 145 1.88 -5.16 49.10
C LYS D 145 3.26 -4.71 48.63
N ALA D 146 3.42 -4.49 47.32
CA ALA D 146 4.71 -4.08 46.78
C ALA D 146 5.19 -2.78 47.41
N LYS D 147 4.30 -1.80 47.55
CA LYS D 147 4.69 -0.54 48.16
C LYS D 147 5.02 -0.70 49.65
N GLU D 148 4.28 -1.53 50.38
CA GLU D 148 4.60 -1.80 51.78
C GLU D 148 6.02 -2.37 51.91
N MET D 149 6.35 -3.36 51.08
CA MET D 149 7.68 -3.97 51.11
C MET D 149 8.75 -3.07 50.54
N ASN D 150 8.37 -1.97 49.88
CA ASN D 150 9.37 -1.08 49.28
C ASN D 150 10.27 -0.48 50.34
N ALA D 151 9.75 -0.28 51.56
CA ALA D 151 10.55 0.31 52.63
C ALA D 151 11.64 -0.64 53.13
N LEU D 152 11.39 -1.94 53.08
CA LEU D 152 12.34 -2.90 53.64
C LEU D 152 13.59 -3.00 52.77
N SER D 153 14.72 -3.21 53.43
CA SER D 153 15.94 -3.43 52.66
C SER D 153 15.96 -4.86 52.14
N PRO D 154 16.43 -5.07 50.91
CA PRO D 154 16.42 -6.42 50.34
C PRO D 154 17.43 -7.31 51.03
N GLY D 155 17.01 -8.55 51.30
CA GLY D 155 17.89 -9.54 51.85
C GLY D 155 18.29 -10.55 50.79
N PRO D 156 19.04 -11.57 51.16
CA PRO D 156 19.46 -12.58 50.19
C PRO D 156 18.28 -13.38 49.69
N ILE D 157 18.36 -13.79 48.41
CA ILE D 157 17.33 -14.64 47.82
C ILE D 157 17.33 -16.00 48.51
N ILE D 158 16.15 -16.47 48.89
CA ILE D 158 15.99 -17.80 49.45
C ILE D 158 15.06 -18.70 48.64
N ASP D 159 14.19 -18.13 47.80
CA ASP D 159 13.23 -18.94 47.07
C ASP D 159 12.92 -18.31 45.73
N TYR D 160 12.73 -19.16 44.73
CA TYR D 160 12.23 -18.78 43.43
C TYR D 160 10.81 -19.32 43.29
N HIS D 161 9.98 -18.57 42.57
CA HIS D 161 8.60 -18.95 42.35
C HIS D 161 8.27 -18.83 40.88
N VAL D 162 7.78 -19.91 40.29
CA VAL D 162 7.44 -19.96 38.87
C VAL D 162 5.92 -19.85 38.75
N TRP D 163 5.47 -18.89 37.96
CA TRP D 163 4.06 -18.55 37.82
C TRP D 163 3.66 -18.84 36.38
N ILE D 164 2.84 -19.87 36.18
CA ILE D 164 2.45 -20.31 34.84
C ILE D 164 0.99 -19.94 34.65
N GLY D 165 0.73 -19.00 33.74
CA GLY D 165 -0.60 -18.50 33.48
C GLY D 165 -0.99 -18.70 32.02
N ASP D 166 -2.27 -18.44 31.74
CA ASP D 166 -2.81 -18.67 30.40
C ASP D 166 -2.27 -17.67 29.38
N CYS D 167 -1.91 -16.46 29.82
CA CYS D 167 -1.42 -15.42 28.92
C CYS D 167 0.00 -14.97 29.21
N ILE D 168 0.58 -15.37 30.34
CA ILE D 168 1.89 -14.88 30.72
C ILE D 168 2.48 -15.87 31.70
N CYS D 169 3.80 -15.94 31.74
CA CYS D 169 4.53 -16.70 32.75
C CYS D 169 5.52 -15.76 33.42
N GLN D 170 5.73 -15.95 34.71
CA GLN D 170 6.67 -15.12 35.46
C GLN D 170 7.49 -15.97 36.41
N VAL D 171 8.68 -15.49 36.73
CA VAL D 171 9.50 -16.06 37.78
C VAL D 171 9.94 -14.95 38.72
N THR D 172 9.68 -15.12 40.01
CA THR D 172 10.08 -14.17 41.03
C THR D 172 11.04 -14.83 42.01
N ALA D 173 11.81 -13.98 42.69
CA ALA D 173 12.71 -14.41 43.76
C ALA D 173 12.45 -13.54 44.98
N VAL D 174 12.49 -14.17 46.16
CA VAL D 174 12.17 -13.50 47.41
C VAL D 174 13.32 -13.67 48.39
N ASP D 175 13.41 -12.73 49.33
CA ASP D 175 14.32 -12.86 50.45
C ASP D 175 13.56 -13.48 51.61
N VAL D 176 14.19 -13.54 52.79
CA VAL D 176 13.56 -14.19 53.93
C VAL D 176 12.35 -13.42 54.42
N HIS D 177 12.24 -12.13 54.09
CA HIS D 177 11.10 -11.31 54.47
C HIS D 177 9.97 -11.38 53.45
N GLY D 178 10.15 -12.10 52.34
CA GLY D 178 9.17 -12.11 51.29
C GLY D 178 9.28 -10.96 50.30
N LYS D 179 10.30 -10.11 50.44
CA LYS D 179 10.50 -9.01 49.50
C LYS D 179 10.96 -9.55 48.16
N GLU D 180 10.38 -9.01 47.10
CA GLU D 180 10.71 -9.45 45.75
C GLU D 180 12.05 -8.87 45.34
N ILE D 181 13.04 -9.74 45.14
CA ILE D 181 14.37 -9.30 44.74
C ILE D 181 14.49 -9.22 43.22
N MET D 182 13.77 -10.09 42.51
CA MET D 182 13.87 -10.16 41.06
C MET D 182 12.53 -10.63 40.51
N ARG D 183 12.21 -10.18 39.30
CA ARG D 183 11.04 -10.61 38.54
C ARG D 183 11.43 -10.66 37.07
N MET D 184 11.23 -11.81 36.44
CA MET D 184 11.30 -11.91 34.99
C MET D 184 9.90 -12.25 34.48
N ARG D 185 9.56 -11.74 33.31
CA ARG D 185 8.27 -12.04 32.70
C ARG D 185 8.50 -12.67 31.33
N PHE D 186 7.79 -13.77 31.06
CA PHE D 186 7.75 -14.42 29.75
C PHE D 186 6.37 -14.18 29.17
N LYS D 187 6.33 -13.54 28.00
CA LYS D 187 5.05 -13.13 27.42
C LYS D 187 4.47 -14.23 26.52
N LYS D 188 4.16 -15.35 27.17
CA LYS D 188 3.55 -16.51 26.54
C LYS D 188 2.69 -17.22 27.57
N GLY D 189 1.63 -17.88 27.11
CA GLY D 189 0.79 -18.69 27.95
C GLY D 189 1.21 -20.15 27.92
N ALA D 190 0.99 -20.84 29.04
CA ALA D 190 1.52 -22.19 29.18
C ALA D 190 0.72 -22.97 30.22
N VAL D 191 1.02 -24.27 30.28
CA VAL D 191 0.50 -25.19 31.30
C VAL D 191 1.67 -25.90 31.97
N LEU D 192 1.40 -26.48 33.13
CA LEU D 192 2.43 -27.26 33.79
C LEU D 192 2.24 -28.74 33.51
N PRO D 193 3.29 -29.55 33.60
CA PRO D 193 3.11 -30.99 33.43
C PRO D 193 2.39 -31.58 34.61
N ILE D 194 1.69 -32.68 34.34
CA ILE D 194 1.02 -33.50 35.35
C ILE D 194 1.84 -34.78 35.50
N PRO D 195 2.38 -35.08 36.69
CA PRO D 195 3.24 -36.24 36.94
C PRO D 195 2.53 -37.58 36.70
N SER E 1 -15.86 7.36 -16.36
CA SER E 1 -16.66 6.14 -16.33
C SER E 1 -17.26 5.84 -17.70
N MET E 2 -18.38 5.13 -17.72
CA MET E 2 -19.06 4.81 -18.97
C MET E 2 -20.26 5.73 -19.17
N ALA E 3 -20.35 6.31 -20.37
CA ALA E 3 -21.49 7.15 -20.72
C ALA E 3 -22.75 6.30 -20.85
N MET E 4 -23.78 6.66 -20.11
CA MET E 4 -25.05 5.94 -20.13
C MET E 4 -26.11 6.77 -20.84
N PHE E 5 -27.02 6.05 -21.53
CA PHE E 5 -28.16 6.61 -22.24
C PHE E 5 -29.39 5.78 -21.93
N TYR E 6 -30.46 6.44 -21.48
CA TYR E 6 -31.70 5.77 -21.12
C TYR E 6 -32.84 6.34 -21.96
N ALA E 7 -33.65 5.44 -22.53
CA ALA E 7 -34.73 5.84 -23.41
C ALA E 7 -35.96 6.23 -22.59
N HIS E 8 -36.45 7.46 -22.81
CA HIS E 8 -37.66 7.92 -22.13
C HIS E 8 -38.86 7.03 -22.44
N ALA E 9 -38.94 6.53 -23.68
CA ALA E 9 -40.03 5.66 -24.05
C ALA E 9 -40.01 4.34 -23.29
N LEU E 10 -38.86 3.97 -22.73
CA LEU E 10 -38.72 2.77 -21.92
C LEU E 10 -38.70 3.09 -20.43
N GLY E 11 -39.30 4.21 -20.04
CA GLY E 11 -39.36 4.57 -18.63
C GLY E 11 -38.05 5.00 -18.04
N GLY E 12 -37.12 5.51 -18.85
CA GLY E 12 -35.78 5.80 -18.41
C GLY E 12 -35.48 7.24 -17.97
N TYR E 13 -36.50 8.10 -17.87
CA TYR E 13 -36.24 9.48 -17.48
C TYR E 13 -35.65 9.55 -16.07
N ASP E 14 -34.62 10.38 -15.91
CA ASP E 14 -33.98 10.61 -14.62
C ASP E 14 -33.68 12.10 -14.52
N GLU E 15 -34.33 12.78 -13.57
CA GLU E 15 -34.15 14.22 -13.44
C GLU E 15 -32.71 14.62 -13.13
N ASN E 16 -31.90 13.69 -12.61
CA ASN E 16 -30.53 14.04 -12.26
C ASN E 16 -29.59 14.04 -13.46
N LEU E 17 -30.05 13.54 -14.61
CA LEU E 17 -29.23 13.40 -15.81
C LEU E 17 -29.60 14.49 -16.81
N HIS E 18 -28.76 14.64 -17.83
CA HIS E 18 -29.11 15.54 -18.93
C HIS E 18 -30.40 15.07 -19.59
N ALA E 19 -31.25 16.02 -19.96
CA ALA E 19 -32.55 15.72 -20.54
C ALA E 19 -32.62 16.26 -21.95
N PHE E 20 -32.90 15.37 -22.90
CA PHE E 20 -33.12 15.69 -24.30
C PHE E 20 -34.38 14.97 -24.73
N PRO E 21 -34.93 15.29 -25.91
CA PRO E 21 -36.10 14.53 -26.38
C PRO E 21 -35.82 13.03 -26.41
N GLY E 22 -36.56 12.26 -25.62
CA GLY E 22 -36.43 10.80 -25.60
C GLY E 22 -35.21 10.24 -24.90
N ILE E 23 -34.35 11.08 -24.34
CA ILE E 23 -33.07 10.62 -23.80
C ILE E 23 -32.80 11.30 -22.46
N SER E 24 -32.41 10.49 -21.48
CA SER E 24 -31.70 10.95 -20.29
C SER E 24 -30.30 10.35 -20.34
N SER E 25 -29.28 11.18 -20.19
CA SER E 25 -27.91 10.73 -20.41
C SER E 25 -26.99 11.30 -19.34
N THR E 26 -25.90 10.57 -19.08
CA THR E 26 -24.86 11.06 -18.19
C THR E 26 -23.91 12.02 -18.87
N VAL E 27 -23.96 12.14 -20.20
CA VAL E 27 -23.14 13.06 -20.95
C VAL E 27 -24.05 13.91 -21.83
N ALA E 28 -23.52 15.05 -22.27
CA ALA E 28 -24.25 16.00 -23.11
C ALA E 28 -23.52 16.14 -24.44
N ASN E 29 -23.96 15.39 -25.44
CA ASN E 29 -23.36 15.43 -26.77
C ASN E 29 -24.00 16.53 -27.61
N ASP E 30 -23.17 17.39 -28.20
CA ASP E 30 -23.65 18.39 -29.15
C ASP E 30 -23.77 17.70 -30.50
N VAL E 31 -24.99 17.33 -30.87
CA VAL E 31 -25.18 16.56 -32.10
C VAL E 31 -25.31 17.42 -33.33
N ARG E 32 -25.18 18.75 -33.20
CA ARG E 32 -25.26 19.62 -34.36
C ARG E 32 -24.07 19.43 -35.30
N LYS E 33 -22.94 18.99 -34.78
CA LYS E 33 -21.71 19.02 -35.57
C LYS E 33 -21.53 17.81 -36.49
N TYR E 34 -22.37 16.79 -36.36
CA TYR E 34 -22.20 15.56 -37.12
C TYR E 34 -22.92 15.66 -38.47
N SER E 35 -22.22 15.25 -39.53
CA SER E 35 -22.84 15.10 -40.84
C SER E 35 -23.04 13.64 -41.23
N VAL E 36 -22.38 12.70 -40.55
CA VAL E 36 -22.59 11.27 -40.78
C VAL E 36 -22.56 10.56 -39.43
N VAL E 37 -23.42 9.55 -39.29
CA VAL E 37 -23.49 8.75 -38.07
C VAL E 37 -23.44 7.27 -38.45
N SER E 38 -23.14 6.43 -37.47
CA SER E 38 -23.06 4.99 -37.70
C SER E 38 -23.98 4.26 -36.73
N VAL E 39 -24.76 3.34 -37.29
CA VAL E 39 -25.62 2.44 -36.52
C VAL E 39 -25.38 1.05 -37.08
N TYR E 40 -24.86 0.15 -36.23
CA TYR E 40 -24.55 -1.24 -36.61
C TYR E 40 -23.59 -1.30 -37.79
N ASN E 41 -22.47 -0.57 -37.64
CA ASN E 41 -21.37 -0.54 -38.62
C ASN E 41 -21.81 0.01 -39.97
N ASN E 42 -22.95 0.69 -40.02
CA ASN E 42 -23.46 1.26 -41.25
C ASN E 42 -23.55 2.77 -41.10
N LYS E 43 -23.10 3.49 -42.12
CA LYS E 43 -23.03 4.94 -42.07
C LYS E 43 -24.24 5.57 -42.75
N TYR E 44 -24.74 6.66 -42.16
CA TYR E 44 -25.89 7.35 -42.72
C TYR E 44 -25.63 8.86 -42.70
N ASP E 45 -26.12 9.55 -43.72
CA ASP E 45 -25.90 10.98 -43.86
C ASP E 45 -26.97 11.78 -43.14
N ILE E 46 -26.54 12.79 -42.40
CA ILE E 46 -27.46 13.74 -41.76
C ILE E 46 -28.07 14.63 -42.84
N VAL E 47 -29.39 14.80 -42.79
CA VAL E 47 -30.07 15.64 -43.76
C VAL E 47 -29.68 17.08 -43.52
N LYS E 48 -29.30 17.79 -44.58
CA LYS E 48 -28.94 19.20 -44.46
C LYS E 48 -30.20 20.06 -44.53
N ASP E 49 -30.31 20.99 -43.58
CA ASP E 49 -31.27 22.09 -43.65
C ASP E 49 -32.72 21.64 -43.53
N LYS E 50 -32.95 20.46 -42.99
CA LYS E 50 -34.29 20.02 -42.62
C LYS E 50 -34.14 19.18 -41.37
N TYR E 51 -35.09 19.31 -40.45
CA TYR E 51 -34.91 18.79 -39.10
C TYR E 51 -36.15 18.02 -38.70
N MET E 52 -36.13 17.48 -37.48
CA MET E 52 -37.27 16.76 -36.94
C MET E 52 -37.58 17.37 -35.58
N TRP E 53 -38.81 17.82 -35.40
CA TRP E 53 -39.26 18.28 -34.09
C TRP E 53 -39.64 17.06 -33.25
N CYS E 54 -38.85 16.79 -32.21
CA CYS E 54 -39.07 15.64 -31.34
C CYS E 54 -39.37 16.09 -29.93
N TYR E 55 -40.19 15.32 -29.23
CA TYR E 55 -40.55 15.65 -27.86
C TYR E 55 -40.90 14.38 -27.09
N SER E 56 -40.63 14.43 -25.79
CA SER E 56 -41.15 13.46 -24.84
C SER E 56 -41.80 14.21 -23.70
N GLN E 57 -42.74 13.53 -23.03
CA GLN E 57 -43.47 14.07 -21.89
C GLN E 57 -43.29 13.10 -20.74
N VAL E 58 -42.51 13.49 -19.74
CA VAL E 58 -42.16 12.65 -18.60
C VAL E 58 -42.22 13.47 -17.33
N ASN E 59 -42.86 12.93 -16.29
CA ASN E 59 -42.91 13.57 -14.98
C ASN E 59 -43.44 15.00 -15.07
N LYS E 60 -44.58 15.14 -15.76
CA LYS E 60 -45.24 16.44 -15.93
C LYS E 60 -44.31 17.47 -16.57
N ARG E 61 -43.30 17.02 -17.30
CA ARG E 61 -42.31 17.88 -17.92
C ARG E 61 -42.25 17.61 -19.43
N TYR E 62 -42.32 18.67 -20.22
CA TYR E 62 -42.24 18.59 -21.69
C TYR E 62 -40.84 18.94 -22.13
N ILE E 63 -40.26 18.10 -22.99
CA ILE E 63 -38.89 18.27 -23.47
C ILE E 63 -38.93 18.14 -24.99
N GLY E 64 -38.83 19.26 -25.70
CA GLY E 64 -38.86 19.23 -27.15
C GLY E 64 -37.73 20.03 -27.76
N ALA E 65 -37.33 19.62 -28.97
CA ALA E 65 -36.29 20.35 -29.69
C ALA E 65 -36.28 19.93 -31.15
N LEU E 66 -35.78 20.84 -31.98
CA LEU E 66 -35.47 20.55 -33.37
C LEU E 66 -34.16 19.76 -33.44
N LEU E 67 -34.22 18.55 -34.01
CA LEU E 67 -33.08 17.65 -34.02
C LEU E 67 -32.59 17.35 -35.44
N PRO E 68 -31.29 17.13 -35.61
CA PRO E 68 -30.80 16.58 -36.88
C PRO E 68 -31.43 15.21 -37.10
N MET E 69 -31.51 14.81 -38.36
CA MET E 69 -32.02 13.48 -38.71
C MET E 69 -31.19 12.95 -39.87
N PHE E 70 -31.14 11.62 -39.96
CA PHE E 70 -30.42 10.94 -41.02
C PHE E 70 -31.35 9.93 -41.69
N GLU E 71 -31.12 9.70 -42.98
CA GLU E 71 -31.95 8.77 -43.74
C GLU E 71 -31.36 7.37 -43.65
N CYS E 72 -32.22 6.40 -43.33
CA CYS E 72 -31.81 5.01 -43.18
C CYS E 72 -32.96 4.11 -43.62
N ASN E 73 -32.68 3.23 -44.58
CA ASN E 73 -33.72 2.33 -45.08
C ASN E 73 -33.89 1.08 -44.23
N GLU E 74 -32.89 0.70 -43.44
CA GLU E 74 -33.03 -0.45 -42.56
C GLU E 74 -33.84 -0.08 -41.33
N TYR E 75 -34.37 -1.11 -40.67
CA TYR E 75 -35.11 -0.93 -39.43
C TYR E 75 -34.14 -0.80 -38.26
N LEU E 76 -34.26 0.31 -37.53
CA LEU E 76 -33.48 0.56 -36.33
C LEU E 76 -34.44 0.64 -35.14
N GLN E 77 -34.03 0.06 -34.02
CA GLN E 77 -34.90 -0.13 -32.88
C GLN E 77 -34.62 0.91 -31.82
N ILE E 78 -35.69 1.36 -31.14
CA ILE E 78 -35.55 2.35 -30.08
C ILE E 78 -34.58 1.88 -29.02
N GLY E 79 -33.65 2.74 -28.64
CA GLY E 79 -32.65 2.40 -27.64
C GLY E 79 -31.34 1.92 -28.19
N ASP E 80 -31.29 1.60 -29.49
CA ASP E 80 -30.05 1.16 -30.11
C ASP E 80 -29.03 2.29 -30.15
N PRO E 81 -27.76 2.01 -29.87
CA PRO E 81 -26.76 3.09 -29.83
C PRO E 81 -26.51 3.70 -31.21
N ILE E 82 -26.30 5.02 -31.22
CA ILE E 82 -25.85 5.75 -32.41
C ILE E 82 -24.40 6.15 -32.18
N HIS E 83 -23.55 5.88 -33.18
CA HIS E 83 -22.12 6.11 -33.05
C HIS E 83 -21.67 7.24 -33.98
N ASP E 84 -20.51 7.79 -33.67
CA ASP E 84 -19.81 8.68 -34.59
C ASP E 84 -18.91 7.83 -35.48
N GLN E 85 -18.12 8.47 -36.34
CA GLN E 85 -17.29 7.70 -37.25
C GLN E 85 -16.11 7.04 -36.57
N GLU E 86 -15.86 7.31 -35.30
CA GLU E 86 -14.75 6.68 -34.59
C GLU E 86 -15.23 5.59 -33.64
N GLY E 87 -16.51 5.22 -33.71
CA GLY E 87 -17.07 4.19 -32.85
C GLY E 87 -17.56 4.66 -31.49
N ASN E 88 -17.53 5.97 -31.23
CA ASN E 88 -18.02 6.49 -29.95
C ASN E 88 -19.54 6.61 -29.97
N GLN E 89 -20.19 6.16 -28.90
CA GLN E 89 -21.62 6.37 -28.80
C GLN E 89 -21.91 7.83 -28.50
N ILE E 90 -22.81 8.41 -29.29
CA ILE E 90 -23.19 9.81 -29.14
C ILE E 90 -24.68 9.97 -28.87
N SER E 91 -25.48 8.93 -29.04
CA SER E 91 -26.93 9.02 -28.89
C SER E 91 -27.48 7.61 -28.93
N ILE E 92 -28.82 7.51 -28.87
CA ILE E 92 -29.54 6.25 -29.07
C ILE E 92 -30.69 6.55 -30.02
N ILE E 93 -31.18 5.51 -30.68
CA ILE E 93 -32.33 5.68 -31.57
C ILE E 93 -33.52 6.12 -30.72
N THR E 94 -34.24 7.15 -31.20
CA THR E 94 -35.42 7.60 -30.48
C THR E 94 -36.65 7.66 -31.39
N TYR E 95 -36.72 8.70 -32.23
CA TYR E 95 -37.86 9.02 -33.05
C TYR E 95 -37.55 8.78 -34.53
N ARG E 96 -38.61 8.58 -35.31
CA ARG E 96 -38.46 8.29 -36.72
C ARG E 96 -39.59 8.93 -37.51
N HIS E 97 -39.31 9.24 -38.78
CA HIS E 97 -40.31 9.70 -39.73
C HIS E 97 -40.04 8.95 -41.04
N LYS E 98 -40.85 7.93 -41.31
CA LYS E 98 -40.58 7.04 -42.45
C LYS E 98 -39.13 6.59 -42.39
N ASN E 99 -38.33 7.00 -43.38
CA ASN E 99 -36.92 6.64 -43.46
C ASN E 99 -36.00 7.66 -42.81
N TYR E 100 -36.53 8.59 -42.01
CA TYR E 100 -35.70 9.57 -41.31
C TYR E 100 -35.71 9.23 -39.83
N TYR E 101 -34.52 9.26 -39.21
CA TYR E 101 -34.39 8.98 -37.79
C TYR E 101 -33.74 10.17 -37.10
N ALA E 102 -34.32 10.58 -35.97
CA ALA E 102 -33.80 11.70 -35.21
C ALA E 102 -32.50 11.35 -34.50
N LEU E 103 -31.64 12.35 -34.37
CA LEU E 103 -30.39 12.25 -33.62
C LEU E 103 -30.53 13.15 -32.39
N SER E 104 -30.83 12.54 -31.24
CA SER E 104 -31.17 13.31 -30.05
C SER E 104 -29.95 13.59 -29.18
N GLY E 105 -29.95 14.77 -28.60
CA GLY E 105 -28.83 15.29 -27.83
C GLY E 105 -29.01 16.79 -27.72
N ILE E 106 -27.90 17.49 -27.47
CA ILE E 106 -27.93 18.95 -27.59
C ILE E 106 -28.08 19.28 -29.07
N GLY E 107 -29.25 19.80 -29.45
CA GLY E 107 -29.55 20.06 -30.84
C GLY E 107 -29.78 21.53 -31.15
N TYR E 108 -30.83 21.81 -31.93
CA TYR E 108 -31.13 23.19 -32.30
C TYR E 108 -32.21 23.76 -31.39
N GLU E 109 -33.05 24.65 -31.92
CA GLU E 109 -34.00 25.38 -31.08
C GLU E 109 -34.88 24.41 -30.29
N SER E 110 -35.15 24.74 -29.03
CA SER E 110 -35.81 23.80 -28.13
C SER E 110 -36.91 24.49 -27.34
N LEU E 111 -37.82 23.68 -26.82
CA LEU E 111 -38.93 24.14 -25.98
C LEU E 111 -39.09 23.17 -24.81
N ASP E 112 -39.07 23.71 -23.59
CA ASP E 112 -39.28 22.93 -22.38
C ASP E 112 -40.45 23.55 -21.61
N LEU E 113 -41.34 22.70 -21.10
CA LEU E 113 -42.57 23.17 -20.47
C LEU E 113 -42.89 22.38 -19.20
N CYS E 114 -43.62 23.04 -18.31
CA CYS E 114 -44.29 22.41 -17.17
C CYS E 114 -45.72 22.11 -17.62
N LEU E 115 -46.06 20.82 -17.72
CA LEU E 115 -47.32 20.43 -18.35
C LEU E 115 -48.52 20.49 -17.41
N GLU E 116 -48.31 20.66 -16.11
CA GLU E 116 -49.41 20.67 -15.16
C GLU E 116 -50.33 21.87 -15.43
N GLY E 117 -51.61 21.57 -15.63
CA GLY E 117 -52.62 22.60 -15.81
C GLY E 117 -52.80 23.14 -17.22
N VAL E 118 -51.79 23.03 -18.07
CA VAL E 118 -51.89 23.46 -19.46
C VAL E 118 -51.81 22.24 -20.37
N GLY E 119 -52.38 22.39 -21.56
CA GLY E 119 -52.25 21.38 -22.59
C GLY E 119 -51.35 21.83 -23.73
N ILE E 120 -50.87 20.89 -24.54
CA ILE E 120 -50.00 21.21 -25.67
C ILE E 120 -50.43 20.38 -26.87
N HIS E 121 -50.42 21.00 -28.05
CA HIS E 121 -50.91 20.36 -29.26
C HIS E 121 -49.97 20.66 -30.41
N HIS E 122 -49.84 19.68 -31.31
CA HIS E 122 -48.90 19.74 -32.42
C HIS E 122 -49.66 19.73 -33.74
N HIS E 123 -49.21 20.55 -34.68
CA HIS E 123 -49.86 20.74 -35.98
C HIS E 123 -48.80 20.77 -37.08
N VAL E 124 -49.16 20.21 -38.24
CA VAL E 124 -48.36 20.43 -39.45
C VAL E 124 -48.79 21.76 -40.06
N LEU E 125 -47.85 22.69 -40.17
CA LEU E 125 -48.13 24.02 -40.71
C LEU E 125 -48.10 23.97 -42.24
N GLU E 126 -49.26 24.18 -42.86
CA GLU E 126 -49.35 24.16 -44.31
C GLU E 126 -48.55 25.31 -44.92
N THR E 127 -47.83 25.01 -46.00
CA THR E 127 -47.00 26.03 -46.65
C THR E 127 -47.84 27.21 -47.11
N GLY E 128 -47.35 28.41 -46.81
CA GLY E 128 -48.04 29.63 -47.15
C GLY E 128 -48.99 30.15 -46.09
N ASN E 129 -49.26 29.39 -45.05
CA ASN E 129 -50.15 29.83 -43.99
C ASN E 129 -49.43 30.66 -42.94
N ALA E 130 -50.18 31.58 -42.34
CA ALA E 130 -49.76 32.29 -41.15
C ALA E 130 -50.45 31.70 -39.93
N VAL E 131 -49.93 32.05 -38.75
CA VAL E 131 -50.40 31.49 -37.49
C VAL E 131 -50.81 32.62 -36.56
N TYR E 132 -52.00 32.48 -35.95
CA TYR E 132 -52.39 33.25 -34.78
C TYR E 132 -53.02 32.28 -33.79
N GLY E 133 -52.49 32.25 -32.57
CA GLY E 133 -53.06 31.46 -31.51
C GLY E 133 -53.17 29.97 -31.80
N LYS E 134 -54.41 29.47 -31.91
CA LYS E 134 -54.65 28.05 -32.15
C LYS E 134 -55.10 27.77 -33.57
N VAL E 135 -54.96 28.74 -34.48
CA VAL E 135 -55.48 28.63 -35.83
C VAL E 135 -54.38 28.97 -36.83
N GLN E 136 -54.51 28.43 -38.04
CA GLN E 136 -53.63 28.72 -39.17
C GLN E 136 -54.47 28.96 -40.42
N HIS E 137 -54.12 29.98 -41.18
CA HIS E 137 -54.89 30.34 -42.37
C HIS E 137 -54.02 31.23 -43.24
N ASP E 138 -54.60 31.72 -44.34
CA ASP E 138 -53.88 32.68 -45.16
C ASP E 138 -53.68 34.00 -44.39
N TYR E 139 -52.68 34.77 -44.85
CA TYR E 139 -52.27 35.98 -44.15
C TYR E 139 -53.43 36.94 -43.88
N SER E 140 -54.31 37.14 -44.87
CA SER E 140 -55.39 38.12 -44.69
C SER E 140 -56.34 37.71 -43.57
N THR E 141 -56.70 36.42 -43.50
CA THR E 141 -57.59 35.94 -42.45
C THR E 141 -56.91 36.04 -41.09
N ILE E 142 -55.64 35.65 -41.00
CA ILE E 142 -54.93 35.69 -39.73
C ILE E 142 -54.78 37.12 -39.24
N LYS E 143 -54.46 38.05 -40.16
CA LYS E 143 -54.30 39.45 -39.79
C LYS E 143 -55.61 40.03 -39.25
N GLU E 144 -56.74 39.70 -39.86
CA GLU E 144 -58.00 40.24 -39.38
C GLU E 144 -58.32 39.70 -38.00
N LYS E 145 -58.03 38.41 -37.78
CA LYS E 145 -58.27 37.80 -36.47
C LYS E 145 -57.41 38.44 -35.39
N ALA E 146 -56.13 38.70 -35.69
CA ALA E 146 -55.25 39.28 -34.69
C ALA E 146 -55.79 40.63 -34.24
N LYS E 147 -56.26 41.46 -35.18
CA LYS E 147 -56.80 42.77 -34.85
C LYS E 147 -58.09 42.64 -34.06
N GLU E 148 -58.96 41.69 -34.42
CA GLU E 148 -60.19 41.46 -33.65
C GLU E 148 -59.86 41.09 -32.21
N MET E 149 -58.97 40.12 -32.00
CA MET E 149 -58.58 39.72 -30.66
C MET E 149 -57.74 40.77 -29.95
N ASN E 150 -57.31 41.80 -30.67
CA ASN E 150 -56.50 42.85 -30.07
C ASN E 150 -57.30 43.61 -29.02
N ALA E 151 -58.62 43.69 -29.19
CA ALA E 151 -59.47 44.41 -28.23
C ALA E 151 -59.59 43.67 -26.91
N LEU E 152 -59.53 42.35 -26.92
CA LEU E 152 -59.73 41.56 -25.70
C LEU E 152 -58.55 41.69 -24.74
N SER E 153 -58.87 41.63 -23.45
CA SER E 153 -57.86 41.63 -22.40
C SER E 153 -57.22 40.25 -22.30
N PRO E 154 -55.91 40.19 -22.09
CA PRO E 154 -55.22 38.89 -22.05
C PRO E 154 -55.56 38.12 -20.78
N GLY E 155 -55.81 36.82 -20.95
CA GLY E 155 -56.05 35.93 -19.83
C GLY E 155 -54.86 35.00 -19.59
N PRO E 156 -54.99 34.12 -18.60
CA PRO E 156 -53.92 33.17 -18.32
C PRO E 156 -53.75 32.17 -19.45
N ILE E 157 -52.50 31.74 -19.66
CA ILE E 157 -52.23 30.73 -20.67
C ILE E 157 -52.88 29.41 -20.27
N ILE E 158 -53.58 28.79 -21.23
CA ILE E 158 -54.17 27.48 -21.00
C ILE E 158 -53.69 26.42 -21.98
N ASP E 159 -53.16 26.79 -23.14
CA ASP E 159 -52.75 25.80 -24.13
C ASP E 159 -51.60 26.36 -24.96
N TYR E 160 -50.66 25.47 -25.30
CA TYR E 160 -49.58 25.76 -26.24
C TYR E 160 -49.84 25.01 -27.54
N HIS E 161 -49.43 25.62 -28.65
CA HIS E 161 -49.62 25.03 -29.97
C HIS E 161 -48.30 25.07 -30.73
N VAL E 162 -47.88 23.91 -31.22
CA VAL E 162 -46.61 23.76 -31.93
C VAL E 162 -46.93 23.65 -33.42
N TRP E 163 -46.29 24.50 -34.22
CA TRP E 163 -46.56 24.59 -35.66
C TRP E 163 -45.28 24.21 -36.40
N ILE E 164 -45.28 23.04 -37.04
CA ILE E 164 -44.10 22.52 -37.72
C ILE E 164 -44.35 22.63 -39.22
N GLY E 165 -43.55 23.47 -39.88
CA GLY E 165 -43.68 23.72 -41.30
C GLY E 165 -42.43 23.36 -42.08
N ASP E 166 -42.55 23.43 -43.40
CA ASP E 166 -41.46 23.05 -44.29
C ASP E 166 -40.29 24.04 -44.24
N CYS E 167 -40.56 25.32 -44.00
CA CYS E 167 -39.51 26.34 -43.94
C CYS E 167 -39.46 27.11 -42.63
N ILE E 168 -40.40 26.91 -41.71
CA ILE E 168 -40.42 27.65 -40.46
C ILE E 168 -41.18 26.81 -39.44
N CYS E 169 -40.86 26.99 -38.17
CA CYS E 169 -41.60 26.40 -37.07
C CYS E 169 -41.97 27.49 -36.06
N GLN E 170 -43.14 27.36 -35.45
CA GLN E 170 -43.61 28.32 -34.47
C GLN E 170 -44.25 27.60 -33.29
N VAL E 171 -44.20 28.26 -32.13
CA VAL E 171 -44.94 27.83 -30.96
C VAL E 171 -45.73 29.02 -30.44
N THR E 172 -47.03 28.83 -30.25
CA THR E 172 -47.91 29.87 -29.72
C THR E 172 -48.53 29.42 -28.41
N ALA E 173 -49.00 30.40 -27.63
CA ALA E 173 -49.73 30.17 -26.41
C ALA E 173 -51.01 31.00 -26.43
N VAL E 174 -52.12 30.42 -25.98
CA VAL E 174 -53.42 31.06 -26.01
C VAL E 174 -54.05 31.05 -24.62
N ASP E 175 -54.95 31.99 -24.40
CA ASP E 175 -55.81 32.00 -23.24
C ASP E 175 -57.13 31.31 -23.59
N VAL E 176 -58.10 31.37 -22.68
CA VAL E 176 -59.36 30.67 -22.90
C VAL E 176 -60.16 31.29 -24.05
N HIS E 177 -59.88 32.54 -24.41
CA HIS E 177 -60.56 33.20 -25.51
C HIS E 177 -59.91 32.91 -26.87
N GLY E 178 -58.80 32.17 -26.89
CA GLY E 178 -58.06 31.98 -28.13
C GLY E 178 -57.11 33.10 -28.46
N LYS E 179 -56.98 34.10 -27.59
CA LYS E 179 -56.05 35.20 -27.82
C LYS E 179 -54.61 34.73 -27.65
N GLU E 180 -53.76 35.17 -28.58
CA GLU E 180 -52.35 34.80 -28.55
C GLU E 180 -51.62 35.58 -27.47
N ILE E 181 -51.10 34.86 -26.48
CA ILE E 181 -50.36 35.48 -25.39
C ILE E 181 -48.86 35.50 -25.69
N MET E 182 -48.36 34.52 -26.44
CA MET E 182 -46.94 34.40 -26.72
C MET E 182 -46.75 33.74 -28.08
N ARG E 183 -45.65 34.11 -28.75
CA ARG E 183 -45.24 33.51 -30.02
C ARG E 183 -43.73 33.47 -30.09
N MET E 184 -43.17 32.28 -30.28
CA MET E 184 -41.78 32.13 -30.66
C MET E 184 -41.71 31.55 -32.06
N ARG E 185 -40.70 31.95 -32.82
CA ARG E 185 -40.51 31.45 -34.17
C ARG E 185 -39.12 30.84 -34.29
N PHE E 186 -39.04 29.65 -34.87
CA PHE E 186 -37.79 28.99 -35.20
C PHE E 186 -37.64 29.03 -36.72
N LYS E 187 -36.56 29.64 -37.20
CA LYS E 187 -36.37 29.84 -38.62
C LYS E 187 -35.66 28.64 -39.25
N LYS E 188 -36.36 27.50 -39.18
CA LYS E 188 -35.92 26.22 -39.72
C LYS E 188 -37.14 25.42 -40.14
N GLY E 189 -36.96 24.59 -41.17
CA GLY E 189 -37.99 23.66 -41.60
C GLY E 189 -37.81 22.27 -41.01
N ALA E 190 -38.92 21.57 -40.79
CA ALA E 190 -38.86 20.30 -40.09
C ALA E 190 -40.09 19.46 -40.42
N VAL E 191 -40.06 18.21 -39.94
CA VAL E 191 -41.18 17.30 -39.98
C VAL E 191 -41.46 16.80 -38.56
N LEU E 192 -42.61 16.23 -38.38
CA LEU E 192 -42.92 15.65 -37.10
C LEU E 192 -42.66 14.14 -37.14
N PRO E 193 -42.39 13.51 -36.00
CA PRO E 193 -42.23 12.05 -36.01
C PRO E 193 -43.55 11.38 -36.25
N ILE E 194 -43.48 10.22 -36.89
CA ILE E 194 -44.61 9.33 -37.09
C ILE E 194 -44.40 8.14 -36.15
N PRO E 195 -45.31 7.90 -35.19
CA PRO E 195 -45.14 6.83 -34.19
C PRO E 195 -45.07 5.44 -34.81
#